data_8S6V
#
_entry.id   8S6V
#
_cell.length_a   67.053
_cell.length_b   111.546
_cell.length_c   134.962
_cell.angle_alpha   90.00
_cell.angle_beta   90.00
_cell.angle_gamma   90.00
#
_symmetry.space_group_name_H-M   'P 21 21 21'
#
loop_
_entity.id
_entity.type
_entity.pdbx_description
1 polymer 'G2D11 (VH-CH1)'
2 polymer '2D9 (VL-CL)'
3 polymer 'Mucin-1 subunit alpha'
4 non-polymer 1,2-ETHANEDIOL
5 non-polymer 'SULFATE ION'
6 non-polymer 2-acetamido-2-deoxy-alpha-D-galactopyranose
7 water water
#
loop_
_entity_poly.entity_id
_entity_poly.type
_entity_poly.pdbx_seq_one_letter_code
_entity_poly.pdbx_strand_id
1 'polypeptide(L)'
;QVQLQQSDAELVKPGASVKISCKASGYIFADHAIHWVKRKPEQGLEWIGYISPGNDDIKYNEKFKGKATLTADKSSSTAY
MQLNSLTSEDSAVYFCKRSLPGTFDYWGQGTTLTVSSAKTTPPSVYPLAPGSAAQTNSMVTLGCLVKGYFPEPVTVTWNS
GSLSSGVHTFPAVLQSDLYTLSSSVTVPSSTWPSETVTCNVAHPASSTKVDKKIVP
;
A,C
2 'polypeptide(L)'
;DIVMSQSPSSLAVSVGEKVTMSCKSSQSLLYSSDQKNYLAWYQQKPGQSPKLLIYWASTRESGVPDRFTGSGSGTDFTLT
ISSVKAEDLAVYYCQQCYSYPFTFGSGTKLERKRADAAPTVSIFPPSSEQLTSGGASVVCFLNNFYPKDINVKWKIDGSE
RQNGVLNSWTDQDSKDSTYSMSSTLTLTKDEYERHNSYTCEATHKTSTSPIVKSFNR
;
B,D
3 'polypeptide(L)' APGSTAPPA(NH2) M,N
#
# COMPACT_ATOMS: atom_id res chain seq x y z
N GLN A 1 37.79 9.25 -5.41
CA GLN A 1 38.31 8.21 -6.34
C GLN A 1 37.15 7.38 -6.89
N VAL A 2 36.52 6.59 -6.02
CA VAL A 2 35.35 5.81 -6.37
C VAL A 2 34.20 6.78 -6.63
N GLN A 3 33.50 6.60 -7.76
CA GLN A 3 32.31 7.36 -8.05
C GLN A 3 31.28 6.49 -8.75
N LEU A 4 30.01 6.77 -8.45
CA LEU A 4 28.86 6.29 -9.19
C LEU A 4 28.11 7.51 -9.66
N GLN A 5 28.22 7.82 -10.95
CA GLN A 5 27.68 9.03 -11.54
C GLN A 5 26.37 8.66 -12.24
N GLN A 6 25.25 9.19 -11.74
CA GLN A 6 23.95 8.88 -12.33
C GLN A 6 23.57 9.94 -13.34
N SER A 7 22.66 9.56 -14.24
CA SER A 7 22.12 10.44 -15.26
C SER A 7 21.24 11.52 -14.61
N ASP A 8 20.91 12.53 -15.43
CA ASP A 8 20.20 13.72 -15.00
C ASP A 8 18.72 13.41 -14.74
N ALA A 9 18.05 14.35 -14.07
CA ALA A 9 16.65 14.25 -13.73
C ALA A 9 15.81 14.01 -15.00
N GLU A 10 14.74 13.25 -14.81
CA GLU A 10 13.85 12.89 -15.89
C GLU A 10 12.45 13.37 -15.55
N LEU A 11 11.81 13.99 -16.56
CA LEU A 11 10.43 14.40 -16.46
C LEU A 11 9.69 13.83 -17.66
N VAL A 12 8.68 13.00 -17.39
CA VAL A 12 8.02 12.26 -18.45
C VAL A 12 6.54 12.18 -18.15
N LYS A 13 5.78 11.84 -19.19
CA LYS A 13 4.34 11.69 -19.16
C LYS A 13 4.00 10.30 -18.61
N PRO A 14 2.83 10.12 -17.98
CA PRO A 14 2.34 8.78 -17.64
C PRO A 14 2.32 7.86 -18.86
N GLY A 15 2.78 6.62 -18.67
CA GLY A 15 2.74 5.63 -19.74
C GLY A 15 4.08 5.54 -20.46
N ALA A 16 4.94 6.55 -20.28
CA ALA A 16 6.26 6.53 -20.88
C ALA A 16 7.18 5.53 -20.18
N SER A 17 8.32 5.26 -20.81
CA SER A 17 9.42 4.52 -20.20
C SER A 17 10.56 5.48 -19.94
N VAL A 18 11.46 5.10 -19.03
CA VAL A 18 12.67 5.87 -18.79
C VAL A 18 13.81 4.88 -18.58
N LYS A 19 15.04 5.28 -18.92
CA LYS A 19 16.21 4.46 -18.65
C LYS A 19 17.29 5.31 -17.99
N ILE A 20 17.61 4.99 -16.75
CA ILE A 20 18.51 5.75 -15.91
C ILE A 20 19.85 5.02 -15.95
N SER A 21 20.94 5.80 -15.95
CA SER A 21 22.28 5.22 -16.03
C SER A 21 23.07 5.54 -14.76
N CYS A 22 24.08 4.71 -14.53
CA CYS A 22 24.94 4.78 -13.35
C CYS A 22 26.36 4.37 -13.76
N LYS A 23 27.23 5.35 -13.91
CA LYS A 23 28.57 5.14 -14.48
C LYS A 23 29.57 5.04 -13.33
N ALA A 24 30.24 3.88 -13.25
CA ALA A 24 31.20 3.59 -12.21
C ALA A 24 32.59 4.02 -12.66
N SER A 25 33.36 4.62 -11.74
CA SER A 25 34.78 4.83 -11.99
C SER A 25 35.55 4.76 -10.67
N GLY A 26 36.88 4.61 -10.80
CA GLY A 26 37.78 4.58 -9.65
C GLY A 26 37.94 3.17 -9.09
N TYR A 27 37.25 2.20 -9.70
CA TYR A 27 37.39 0.80 -9.33
C TYR A 27 37.02 -0.05 -10.54
N ILE A 28 37.22 -1.36 -10.44
CA ILE A 28 36.90 -2.30 -11.49
C ILE A 28 35.42 -2.65 -11.41
N PHE A 29 34.67 -2.23 -12.43
CA PHE A 29 33.23 -2.34 -12.49
C PHE A 29 32.75 -3.78 -12.19
N ALA A 30 33.45 -4.80 -12.73
CA ALA A 30 33.02 -6.19 -12.62
C ALA A 30 33.19 -6.76 -11.21
N ASP A 31 33.83 -6.01 -10.30
CA ASP A 31 34.14 -6.50 -8.98
C ASP A 31 32.94 -6.41 -8.03
N HIS A 32 31.92 -5.59 -8.35
CA HIS A 32 30.82 -5.35 -7.42
C HIS A 32 29.47 -5.28 -8.15
N ALA A 33 28.45 -5.90 -7.54
CA ALA A 33 27.07 -5.73 -7.95
C ALA A 33 26.58 -4.29 -7.75
N ILE A 34 25.71 -3.84 -8.68
CA ILE A 34 25.03 -2.55 -8.57
C ILE A 34 23.57 -2.84 -8.21
N HIS A 35 23.15 -2.38 -7.02
CA HIS A 35 21.77 -2.45 -6.56
C HIS A 35 21.06 -1.12 -6.84
N TRP A 36 19.75 -1.18 -7.02
CA TRP A 36 18.94 -0.02 -7.28
C TRP A 36 17.91 0.12 -6.16
N VAL A 37 17.72 1.38 -5.72
CA VAL A 37 16.94 1.68 -4.55
C VAL A 37 16.06 2.88 -4.87
N LYS A 38 14.80 2.81 -4.48
CA LYS A 38 13.82 3.85 -4.71
C LYS A 38 13.59 4.59 -3.39
N ARG A 39 13.74 5.92 -3.46
CA ARG A 39 13.47 6.81 -2.34
C ARG A 39 12.30 7.71 -2.72
N LYS A 40 11.10 7.39 -2.25
CA LYS A 40 9.91 8.14 -2.62
C LYS A 40 9.39 8.87 -1.39
N PRO A 41 9.03 10.16 -1.46
CA PRO A 41 8.58 10.88 -0.26
C PRO A 41 7.49 10.10 0.47
N GLU A 42 7.65 9.93 1.79
CA GLU A 42 6.73 9.23 2.68
C GLU A 42 6.69 7.71 2.43
N GLN A 43 7.59 7.16 1.60
CA GLN A 43 7.65 5.71 1.39
C GLN A 43 9.09 5.19 1.56
N GLY A 44 9.89 5.93 2.37
CA GLY A 44 11.23 5.56 2.79
C GLY A 44 12.07 5.04 1.64
N LEU A 45 12.69 3.88 1.86
CA LEU A 45 13.58 3.27 0.87
C LEU A 45 13.04 1.90 0.48
N GLU A 46 13.19 1.55 -0.80
CA GLU A 46 12.72 0.29 -1.31
C GLU A 46 13.76 -0.29 -2.26
N TRP A 47 14.12 -1.56 -2.06
CA TRP A 47 15.07 -2.25 -2.91
C TRP A 47 14.39 -2.78 -4.17
N ILE A 48 15.00 -2.47 -5.32
CA ILE A 48 14.45 -2.84 -6.61
C ILE A 48 15.08 -4.15 -7.12
N GLY A 49 16.39 -4.29 -6.98
CA GLY A 49 17.08 -5.43 -7.55
C GLY A 49 18.55 -5.11 -7.74
N TYR A 50 19.33 -6.07 -8.25
CA TYR A 50 20.72 -5.76 -8.56
C TYR A 50 21.12 -6.42 -9.87
N ILE A 51 22.17 -5.85 -10.49
CA ILE A 51 22.88 -6.54 -11.55
C ILE A 51 24.34 -6.65 -11.12
N SER A 52 24.85 -7.87 -11.22
CA SER A 52 26.24 -8.19 -10.94
C SER A 52 26.99 -8.33 -12.27
N PRO A 53 27.67 -7.29 -12.79
CA PRO A 53 28.20 -7.35 -14.17
C PRO A 53 29.31 -8.37 -14.41
N GLY A 54 30.01 -8.77 -13.34
CA GLY A 54 31.08 -9.75 -13.39
C GLY A 54 30.60 -11.14 -13.80
N ASN A 55 29.47 -11.59 -13.25
CA ASN A 55 28.93 -12.93 -13.52
C ASN A 55 27.57 -12.84 -14.23
N ASP A 56 27.17 -11.64 -14.66
CA ASP A 56 25.88 -11.38 -15.29
C ASP A 56 24.72 -11.94 -14.45
N ASP A 57 24.81 -11.87 -13.12
CA ASP A 57 23.71 -12.31 -12.27
C ASP A 57 22.78 -11.11 -12.09
N ILE A 58 21.46 -11.29 -12.29
CA ILE A 58 20.47 -10.24 -12.08
C ILE A 58 19.37 -10.79 -11.18
N LYS A 59 18.97 -10.00 -10.18
CA LYS A 59 17.85 -10.36 -9.31
C LYS A 59 16.93 -9.15 -9.12
N TYR A 60 15.63 -9.43 -9.09
CA TYR A 60 14.60 -8.42 -8.95
C TYR A 60 13.78 -8.69 -7.69
N ASN A 61 13.42 -7.63 -6.98
CA ASN A 61 12.25 -7.62 -6.13
C ASN A 61 11.04 -8.04 -6.99
N GLU A 62 10.29 -9.05 -6.51
CA GLU A 62 9.11 -9.56 -7.21
C GLU A 62 8.19 -8.42 -7.67
N LYS A 63 8.03 -7.37 -6.87
CA LYS A 63 7.16 -6.24 -7.19
C LYS A 63 7.59 -5.58 -8.51
N PHE A 64 8.86 -5.66 -8.88
CA PHE A 64 9.40 -4.94 -10.03
C PHE A 64 9.63 -5.84 -11.24
N LYS A 65 9.43 -7.16 -11.09
CA LYS A 65 9.50 -8.08 -12.20
C LYS A 65 8.30 -7.82 -13.11
N GLY A 66 8.59 -7.43 -14.35
CA GLY A 66 7.61 -7.01 -15.34
C GLY A 66 7.59 -5.48 -15.50
N LYS A 67 8.20 -4.74 -14.57
CA LYS A 67 8.16 -3.28 -14.57
C LYS A 67 9.56 -2.69 -14.84
N ALA A 68 10.60 -3.27 -14.22
CA ALA A 68 11.98 -2.77 -14.32
C ALA A 68 12.86 -3.75 -15.11
N THR A 69 13.82 -3.23 -15.86
CA THR A 69 14.86 -4.05 -16.48
C THR A 69 16.23 -3.48 -16.12
N LEU A 70 17.10 -4.33 -15.55
CA LEU A 70 18.46 -3.99 -15.21
C LEU A 70 19.40 -4.58 -16.25
N THR A 71 20.25 -3.71 -16.81
CA THR A 71 21.30 -4.08 -17.74
C THR A 71 22.61 -3.42 -17.30
N ALA A 72 23.69 -3.83 -17.98
CA ALA A 72 25.04 -3.34 -17.71
C ALA A 72 25.86 -3.40 -18.99
N ASP A 73 26.66 -2.35 -19.21
CA ASP A 73 27.60 -2.27 -20.31
C ASP A 73 29.00 -2.28 -19.71
N LYS A 74 29.67 -3.43 -19.81
CA LYS A 74 30.99 -3.59 -19.20
C LYS A 74 32.01 -2.68 -19.90
N SER A 75 31.88 -2.50 -21.22
CA SER A 75 32.82 -1.66 -21.95
C SER A 75 32.80 -0.20 -21.45
N SER A 76 31.67 0.29 -20.91
CA SER A 76 31.60 1.68 -20.47
C SER A 76 31.43 1.78 -18.95
N SER A 77 31.58 0.66 -18.23
CA SER A 77 31.44 0.63 -16.76
C SER A 77 30.12 1.26 -16.32
N THR A 78 29.03 0.95 -17.02
CA THR A 78 27.76 1.59 -16.78
C THR A 78 26.65 0.56 -16.55
N ALA A 79 25.87 0.79 -15.47
CA ALA A 79 24.66 0.05 -15.18
C ALA A 79 23.46 0.91 -15.54
N TYR A 80 22.38 0.23 -15.97
CA TYR A 80 21.16 0.88 -16.42
C TYR A 80 19.97 0.25 -15.72
N MET A 81 18.98 1.10 -15.39
CA MET A 81 17.67 0.64 -14.98
C MET A 81 16.62 1.33 -15.86
N GLN A 82 15.83 0.50 -16.54
CA GLN A 82 14.67 0.93 -17.31
C GLN A 82 13.39 0.64 -16.51
N LEU A 83 12.50 1.63 -16.42
CA LEU A 83 11.18 1.51 -15.82
C LEU A 83 10.15 1.82 -16.90
N ASN A 84 9.10 0.99 -17.00
CA ASN A 84 8.10 1.07 -18.04
C ASN A 84 6.72 1.40 -17.46
N SER A 85 5.81 1.88 -18.32
CA SER A 85 4.42 2.18 -17.97
C SER A 85 4.38 3.08 -16.74
N LEU A 86 5.02 4.23 -16.83
CA LEU A 86 5.23 5.05 -15.63
C LEU A 86 3.92 5.70 -15.18
N THR A 87 3.78 5.74 -13.86
CA THR A 87 2.69 6.42 -13.19
C THR A 87 3.31 7.36 -12.15
N SER A 88 2.47 8.20 -11.55
CA SER A 88 2.91 9.09 -10.48
C SER A 88 3.45 8.33 -9.27
N GLU A 89 3.08 7.05 -9.10
CA GLU A 89 3.67 6.21 -8.06
C GLU A 89 5.18 6.01 -8.27
N ASP A 90 5.63 6.13 -9.51
CA ASP A 90 7.03 5.95 -9.86
C ASP A 90 7.86 7.21 -9.62
N SER A 91 7.21 8.36 -9.39
CA SER A 91 7.91 9.60 -9.09
C SER A 91 8.68 9.39 -7.79
N ALA A 92 9.99 9.63 -7.86
CA ALA A 92 10.88 9.30 -6.77
C ALA A 92 12.30 9.72 -7.13
N VAL A 93 13.19 9.56 -6.13
CA VAL A 93 14.62 9.58 -6.39
C VAL A 93 15.09 8.12 -6.46
N TYR A 94 15.80 7.81 -7.54
CA TYR A 94 16.38 6.49 -7.71
C TYR A 94 17.88 6.54 -7.54
N PHE A 95 18.40 5.66 -6.67
CA PHE A 95 19.82 5.54 -6.42
C PHE A 95 20.33 4.20 -6.96
N CYS A 96 21.51 4.23 -7.59
CA CYS A 96 22.32 3.03 -7.72
C CYS A 96 23.31 3.02 -6.57
N LYS A 97 23.73 1.83 -6.15
CA LYS A 97 24.69 1.73 -5.08
C LYS A 97 25.43 0.41 -5.26
N ARG A 98 26.64 0.38 -4.71
CA ARG A 98 27.58 -0.70 -4.91
C ARG A 98 27.54 -1.67 -3.74
N SER A 99 27.45 -2.96 -4.10
CA SER A 99 27.70 -4.09 -3.22
C SER A 99 26.59 -4.18 -2.16
N LEU A 100 26.87 -5.00 -1.15
CA LEU A 100 26.04 -5.22 0.00
C LEU A 100 26.42 -4.20 1.08
N PRO A 101 25.60 -4.02 2.14
CA PRO A 101 25.98 -3.21 3.29
C PRO A 101 27.25 -3.79 3.90
N GLY A 102 28.25 -2.94 4.02
CA GLY A 102 29.55 -3.33 4.48
C GLY A 102 30.59 -2.40 3.88
N THR A 103 31.79 -2.94 3.73
CA THR A 103 32.98 -2.15 3.47
C THR A 103 32.90 -1.50 2.08
N PHE A 104 32.20 -2.12 1.12
CA PHE A 104 32.18 -1.61 -0.24
C PHE A 104 30.95 -0.73 -0.54
N ASP A 105 30.10 -0.53 0.46
CA ASP A 105 28.88 0.26 0.33
C ASP A 105 29.21 1.65 -0.20
N TYR A 106 28.61 2.05 -1.32
CA TYR A 106 28.87 3.34 -1.95
C TYR A 106 27.69 3.66 -2.85
N TRP A 107 27.24 4.93 -2.85
CA TRP A 107 26.01 5.35 -3.50
C TRP A 107 26.27 6.37 -4.61
N GLY A 108 25.46 6.31 -5.67
CA GLY A 108 25.33 7.41 -6.60
C GLY A 108 24.61 8.60 -5.98
N GLN A 109 24.58 9.71 -6.73
CA GLN A 109 24.03 10.97 -6.20
C GLN A 109 22.50 10.97 -6.30
N GLY A 110 21.93 10.01 -7.05
CA GLY A 110 20.50 9.91 -7.22
C GLY A 110 20.06 10.52 -8.54
N THR A 111 18.96 9.98 -9.09
CA THR A 111 18.26 10.58 -10.23
C THR A 111 16.81 10.82 -9.85
N THR A 112 16.34 12.07 -9.98
CA THR A 112 14.93 12.38 -9.77
C THR A 112 14.11 12.01 -11.01
N LEU A 113 13.01 11.29 -10.77
CA LEU A 113 12.03 11.02 -11.81
C LEU A 113 10.69 11.64 -11.40
N THR A 114 10.18 12.53 -12.26
CA THR A 114 8.86 13.08 -12.12
C THR A 114 7.97 12.60 -13.26
N VAL A 115 6.85 11.98 -12.90
CA VAL A 115 5.89 11.51 -13.91
C VAL A 115 4.62 12.35 -13.79
N SER A 116 4.29 13.07 -14.87
CA SER A 116 3.17 14.01 -14.87
C SER A 116 2.67 14.28 -16.27
N SER A 117 1.36 14.50 -16.37
CA SER A 117 0.74 14.84 -17.63
C SER A 117 0.81 16.34 -17.90
N ALA A 118 1.25 17.11 -16.90
CA ALA A 118 1.26 18.57 -17.00
C ALA A 118 2.30 19.02 -18.04
N LYS A 119 2.03 20.21 -18.59
CA LYS A 119 2.94 20.89 -19.50
C LYS A 119 3.77 21.83 -18.62
N THR A 120 5.01 22.10 -19.00
CA THR A 120 5.79 23.14 -18.34
C THR A 120 5.01 24.46 -18.44
N THR A 121 4.82 25.10 -17.28
CA THR A 121 3.87 26.19 -17.14
C THR A 121 4.50 27.19 -16.19
N PRO A 122 4.66 28.48 -16.56
CA PRO A 122 5.15 29.47 -15.61
C PRO A 122 4.11 29.78 -14.55
N PRO A 123 4.56 30.26 -13.38
CA PRO A 123 3.66 30.63 -12.30
C PRO A 123 2.93 31.94 -12.58
N SER A 124 1.70 32.03 -12.08
CA SER A 124 0.99 33.28 -11.92
C SER A 124 1.19 33.71 -10.46
N VAL A 125 1.57 34.96 -10.24
CA VAL A 125 1.90 35.43 -8.91
C VAL A 125 0.91 36.50 -8.49
N TYR A 126 0.32 36.33 -7.32
CA TYR A 126 -0.68 37.25 -6.80
C TYR A 126 -0.19 37.83 -5.48
N PRO A 127 -0.28 39.16 -5.28
CA PRO A 127 0.22 39.80 -4.05
C PRO A 127 -0.76 39.55 -2.91
N LEU A 128 -0.24 39.39 -1.68
CA LEU A 128 -1.07 39.25 -0.50
C LEU A 128 -0.80 40.43 0.45
N ALA A 129 -1.75 41.36 0.50
CA ALA A 129 -1.72 42.49 1.41
C ALA A 129 -2.83 42.33 2.43
N PRO A 130 -2.66 42.79 3.69
CA PRO A 130 -3.71 42.62 4.70
C PRO A 130 -5.03 43.33 4.40
N GLY A 131 -6.15 42.79 4.91
CA GLY A 131 -7.46 43.39 4.80
C GLY A 131 -7.65 44.59 5.72
N ASN A 137 0.11 46.45 15.20
CA ASN A 137 1.32 45.69 15.64
C ASN A 137 2.55 46.42 15.12
N SER A 138 3.72 46.15 15.72
CA SER A 138 4.96 46.76 15.27
C SER A 138 5.50 46.09 14.00
N MET A 139 5.09 44.84 13.75
CA MET A 139 5.50 44.07 12.57
C MET A 139 4.27 43.83 11.68
N VAL A 140 4.46 43.75 10.36
CA VAL A 140 3.37 43.43 9.45
C VAL A 140 3.81 42.27 8.54
N THR A 141 2.91 41.30 8.33
CA THR A 141 3.16 40.19 7.42
C THR A 141 2.49 40.47 6.08
N LEU A 142 3.26 40.27 4.99
CA LEU A 142 2.79 40.29 3.61
C LEU A 142 3.10 38.94 2.99
N GLY A 143 2.56 38.68 1.80
CA GLY A 143 2.86 37.43 1.12
C GLY A 143 2.66 37.53 -0.40
N CYS A 144 3.09 36.45 -1.08
CA CYS A 144 2.77 36.18 -2.47
C CYS A 144 2.24 34.78 -2.62
N LEU A 145 1.21 34.67 -3.47
CA LEU A 145 0.62 33.41 -3.87
C LEU A 145 1.18 33.08 -5.24
N VAL A 146 1.74 31.89 -5.37
CA VAL A 146 2.42 31.47 -6.58
C VAL A 146 1.69 30.24 -7.09
N LYS A 147 0.94 30.41 -8.18
CA LYS A 147 -0.11 29.49 -8.53
C LYS A 147 0.12 28.97 -9.94
N GLY A 148 -0.08 27.67 -10.11
CA GLY A 148 -0.30 27.08 -11.40
C GLY A 148 0.97 26.83 -12.19
N TYR A 149 2.05 26.43 -11.52
CA TYR A 149 3.29 26.23 -12.25
C TYR A 149 3.61 24.73 -12.31
N PHE A 150 4.48 24.39 -13.26
CA PHE A 150 4.98 23.04 -13.40
C PHE A 150 6.24 23.10 -14.25
N PRO A 151 7.32 22.34 -13.94
CA PRO A 151 7.47 21.55 -12.72
C PRO A 151 8.11 22.29 -11.54
N GLU A 152 8.37 21.57 -10.45
CA GLU A 152 9.23 22.08 -9.40
C GLU A 152 10.65 22.26 -9.93
N PRO A 153 11.48 23.15 -9.36
CA PRO A 153 11.09 24.05 -8.27
C PRO A 153 10.84 25.49 -8.71
N VAL A 154 10.42 26.32 -7.75
CA VAL A 154 10.49 27.77 -7.85
C VAL A 154 11.35 28.27 -6.68
N THR A 155 11.94 29.47 -6.82
CA THR A 155 12.55 30.18 -5.71
C THR A 155 11.82 31.51 -5.54
N VAL A 156 11.64 31.91 -4.28
CA VAL A 156 10.99 33.16 -3.95
C VAL A 156 11.97 33.93 -3.06
N THR A 157 12.23 35.18 -3.42
CA THR A 157 12.98 36.07 -2.56
C THR A 157 12.12 37.32 -2.39
N TRP A 158 12.58 38.19 -1.49
CA TRP A 158 11.89 39.42 -1.15
C TRP A 158 12.87 40.59 -1.24
N ASN A 159 12.52 41.61 -2.03
CA ASN A 159 13.42 42.71 -2.36
C ASN A 159 14.80 42.18 -2.77
N SER A 160 14.81 41.18 -3.67
CA SER A 160 16.01 40.64 -4.28
C SER A 160 16.97 40.03 -3.24
N GLY A 161 16.44 39.45 -2.17
CA GLY A 161 17.27 38.77 -1.19
C GLY A 161 17.63 39.66 0.00
N SER A 162 17.38 40.97 -0.12
CA SER A 162 17.80 41.91 0.89
C SER A 162 16.82 41.95 2.05
N LEU A 163 15.58 41.47 1.82
CA LEU A 163 14.62 41.19 2.87
C LEU A 163 14.74 39.70 3.17
N SER A 164 15.66 39.41 4.09
CA SER A 164 16.14 38.05 4.31
C SER A 164 15.39 37.43 5.48
N SER A 165 14.74 38.27 6.30
CA SER A 165 14.33 37.84 7.64
C SER A 165 12.82 37.82 7.75
N GLY A 166 12.33 36.88 8.56
CA GLY A 166 10.91 36.57 8.65
C GLY A 166 10.34 36.12 7.31
N VAL A 167 11.11 35.40 6.49
CA VAL A 167 10.60 34.83 5.25
C VAL A 167 10.25 33.35 5.47
N HIS A 168 9.10 32.94 4.97
CA HIS A 168 8.74 31.52 4.97
C HIS A 168 8.16 31.21 3.59
N THR A 169 8.81 30.32 2.85
CA THR A 169 8.30 29.82 1.58
C THR A 169 7.85 28.38 1.77
N PHE A 170 6.55 28.13 1.59
CA PHE A 170 5.97 26.87 2.00
C PHE A 170 6.11 25.85 0.87
N PRO A 171 6.23 24.54 1.22
CA PRO A 171 6.22 23.48 0.21
C PRO A 171 4.97 23.57 -0.66
N ALA A 172 5.19 23.41 -1.97
CA ALA A 172 4.14 23.54 -2.95
C ALA A 172 3.18 22.37 -2.75
N VAL A 173 1.92 22.59 -3.11
CA VAL A 173 0.92 21.55 -3.14
C VAL A 173 0.44 21.43 -4.58
N LEU A 174 0.00 20.24 -4.96
CA LEU A 174 -0.40 19.89 -6.31
C LEU A 174 -1.91 20.07 -6.44
N GLN A 175 -2.34 20.77 -7.48
CA GLN A 175 -3.75 21.00 -7.73
C GLN A 175 -4.02 21.09 -9.23
N SER A 176 -4.74 20.09 -9.77
CA SER A 176 -5.04 20.02 -11.20
C SER A 176 -3.75 19.85 -11.97
N ASP A 177 -2.84 19.04 -11.40
CA ASP A 177 -1.56 18.69 -11.99
C ASP A 177 -0.56 19.84 -11.93
N LEU A 178 -0.93 20.97 -11.28
CA LEU A 178 -0.06 22.15 -11.23
C LEU A 178 0.25 22.49 -9.78
N TYR A 179 1.43 23.10 -9.55
CA TYR A 179 1.88 23.44 -8.20
C TYR A 179 1.42 24.84 -7.82
N THR A 180 1.10 24.99 -6.53
CA THR A 180 0.85 26.26 -5.89
C THR A 180 1.54 26.34 -4.53
N LEU A 181 2.10 27.50 -4.22
CA LEU A 181 2.67 27.76 -2.91
C LEU A 181 2.46 29.23 -2.56
N SER A 182 2.63 29.55 -1.29
CA SER A 182 2.70 30.92 -0.82
C SER A 182 4.03 31.14 -0.10
N SER A 183 4.41 32.40 -0.02
CA SER A 183 5.57 32.86 0.71
C SER A 183 5.12 34.03 1.58
N SER A 184 5.60 34.07 2.83
CA SER A 184 5.34 35.21 3.69
C SER A 184 6.64 35.95 3.98
N VAL A 185 6.50 37.25 4.24
CA VAL A 185 7.59 38.05 4.77
C VAL A 185 7.03 38.95 5.87
N THR A 186 7.82 39.18 6.92
CA THR A 186 7.43 40.05 8.01
C THR A 186 8.39 41.23 8.06
N VAL A 187 7.86 42.46 8.03
CA VAL A 187 8.65 43.69 8.04
C VAL A 187 8.13 44.63 9.12
N PRO A 188 8.92 45.64 9.54
CA PRO A 188 8.43 46.67 10.45
C PRO A 188 7.28 47.47 9.85
N SER A 189 6.26 47.75 10.67
CA SER A 189 5.07 48.49 10.28
C SER A 189 5.43 49.85 9.70
N SER A 190 6.51 50.44 10.21
CA SER A 190 6.98 51.74 9.78
C SER A 190 7.45 51.69 8.34
N THR A 191 7.99 50.54 7.90
CA THR A 191 8.59 50.43 6.57
C THR A 191 7.56 50.11 5.51
N TRP A 192 6.35 49.69 5.89
CA TRP A 192 5.34 49.37 4.88
C TRP A 192 4.00 49.95 5.30
N PRO A 193 3.21 50.54 4.36
CA PRO A 193 3.55 50.62 2.94
C PRO A 193 4.44 51.77 2.47
N SER A 194 5.05 52.51 3.40
CA SER A 194 5.84 53.67 3.03
C SER A 194 7.02 53.29 2.15
N GLU A 195 7.52 52.05 2.27
CA GLU A 195 8.54 51.52 1.37
C GLU A 195 8.01 50.34 0.56
N THR A 196 8.56 50.18 -0.64
CA THR A 196 8.06 49.22 -1.60
C THR A 196 8.56 47.84 -1.19
N VAL A 197 7.65 46.86 -1.15
CA VAL A 197 8.02 45.46 -0.93
C VAL A 197 7.66 44.64 -2.17
N THR A 198 8.62 43.86 -2.66
CA THR A 198 8.48 43.11 -3.90
C THR A 198 8.82 41.65 -3.65
N CYS A 199 7.97 40.73 -4.13
CA CYS A 199 8.35 39.33 -4.10
C CYS A 199 8.84 38.92 -5.49
N ASN A 200 9.97 38.21 -5.51
CA ASN A 200 10.68 37.86 -6.73
C ASN A 200 10.62 36.36 -6.88
N VAL A 201 9.82 35.89 -7.83
CA VAL A 201 9.67 34.48 -8.06
C VAL A 201 10.49 34.10 -9.30
N ALA A 202 11.29 33.04 -9.20
CA ALA A 202 12.00 32.51 -10.35
C ALA A 202 11.54 31.07 -10.61
N HIS A 203 11.28 30.74 -11.89
CA HIS A 203 10.97 29.38 -12.28
C HIS A 203 11.98 28.93 -13.34
N PRO A 204 13.10 28.29 -12.96
CA PRO A 204 14.13 27.89 -13.91
C PRO A 204 13.62 27.13 -15.14
N ALA A 205 12.64 26.24 -14.99
CA ALA A 205 12.22 25.38 -16.09
C ALA A 205 11.64 26.18 -17.25
N SER A 206 10.94 27.28 -16.95
CA SER A 206 10.37 28.10 -18.00
C SER A 206 11.22 29.35 -18.25
N SER A 207 12.35 29.48 -17.52
CA SER A 207 13.26 30.62 -17.59
C SER A 207 12.54 31.92 -17.21
N THR A 208 11.65 31.83 -16.23
CA THR A 208 10.71 32.90 -15.92
C THR A 208 11.10 33.58 -14.61
N LYS A 209 11.03 34.92 -14.59
CA LYS A 209 11.09 35.70 -13.36
C LYS A 209 9.83 36.56 -13.27
N VAL A 210 9.20 36.56 -12.09
CA VAL A 210 8.10 37.46 -11.80
C VAL A 210 8.50 38.31 -10.60
N ASP A 211 8.41 39.63 -10.75
CA ASP A 211 8.60 40.57 -9.65
C ASP A 211 7.27 41.26 -9.36
N LYS A 212 6.62 40.85 -8.26
CA LYS A 212 5.30 41.35 -7.97
C LYS A 212 5.39 42.29 -6.77
N LYS A 213 5.00 43.54 -6.99
CA LYS A 213 4.98 44.56 -5.95
C LYS A 213 3.73 44.35 -5.09
N ILE A 214 3.89 44.45 -3.77
CA ILE A 214 2.78 44.30 -2.84
C ILE A 214 2.14 45.66 -2.64
N VAL A 215 0.94 45.87 -3.18
CA VAL A 215 0.29 47.16 -3.09
C VAL A 215 -0.74 47.12 -1.96
N PRO A 216 -0.74 48.12 -1.04
CA PRO A 216 -1.72 48.13 0.06
C PRO A 216 -3.17 48.04 -0.43
N ASP B 1 8.35 -12.21 2.98
CA ASP B 1 9.20 -10.98 2.98
C ASP B 1 9.38 -10.50 4.42
N ILE B 2 10.61 -10.13 4.79
CA ILE B 2 10.83 -9.66 6.13
C ILE B 2 10.28 -8.23 6.25
N VAL B 3 9.49 -8.00 7.31
CA VAL B 3 8.89 -6.71 7.57
C VAL B 3 9.73 -6.05 8.66
N MET B 4 10.18 -4.82 8.39
CA MET B 4 11.00 -4.07 9.32
C MET B 4 10.14 -2.96 9.90
N SER B 5 10.21 -2.76 11.20
CA SER B 5 9.38 -1.80 11.87
CA SER B 5 9.38 -1.80 11.87
C SER B 5 10.26 -0.84 12.68
N GLN B 6 10.02 0.46 12.53
CA GLN B 6 10.78 1.45 13.28
C GLN B 6 9.83 2.36 14.03
N SER B 7 10.23 2.73 15.26
CA SER B 7 9.50 3.69 16.07
C SER B 7 10.49 4.53 16.88
N PRO B 8 10.14 5.79 17.20
CA PRO B 8 8.94 6.43 16.65
C PRO B 8 9.23 6.95 15.25
N SER B 9 8.19 7.43 14.57
CA SER B 9 8.29 8.03 13.25
C SER B 9 9.18 9.28 13.28
N SER B 10 9.06 10.07 14.35
CA SER B 10 9.96 11.19 14.55
C SER B 10 10.08 11.44 16.05
N LEU B 11 11.11 12.19 16.41
CA LEU B 11 11.53 12.33 17.78
C LEU B 11 12.20 13.69 17.92
N ALA B 12 11.72 14.47 18.88
CA ALA B 12 12.32 15.75 19.22
C ALA B 12 13.44 15.47 20.23
N VAL B 13 14.67 15.78 19.83
CA VAL B 13 15.83 15.43 20.63
C VAL B 13 16.52 16.71 21.11
N SER B 14 17.07 16.63 22.33
CA SER B 14 17.87 17.71 22.89
C SER B 14 19.31 17.53 22.44
N VAL B 15 19.82 18.50 21.68
CA VAL B 15 21.19 18.44 21.19
C VAL B 15 22.12 18.34 22.41
N GLY B 16 23.15 17.49 22.30
CA GLY B 16 24.05 17.21 23.41
C GLY B 16 23.64 16.05 24.32
N GLU B 17 22.43 15.51 24.13
CA GLU B 17 21.95 14.38 24.89
C GLU B 17 21.96 13.13 24.00
N LYS B 18 21.82 11.98 24.67
CA LYS B 18 21.80 10.68 24.04
C LYS B 18 20.44 10.42 23.40
N VAL B 19 20.43 9.81 22.21
CA VAL B 19 19.18 9.34 21.63
C VAL B 19 19.32 7.87 21.29
N THR B 20 18.21 7.17 21.45
CA THR B 20 18.08 5.75 21.17
C THR B 20 16.91 5.58 20.19
N MET B 21 17.15 4.81 19.13
CA MET B 21 16.16 4.54 18.11
C MET B 21 16.01 3.01 18.02
N SER B 22 14.79 2.53 17.73
CA SER B 22 14.51 1.11 17.71
C SER B 22 14.14 0.65 16.31
N CYS B 23 14.48 -0.62 16.06
CA CYS B 23 14.06 -1.30 14.87
C CYS B 23 13.73 -2.75 15.23
N LYS B 24 12.62 -3.26 14.71
CA LYS B 24 12.22 -4.64 14.95
C LYS B 24 12.01 -5.35 13.60
N SER B 25 12.44 -6.62 13.51
CA SER B 25 12.22 -7.44 12.33
C SER B 25 11.15 -8.50 12.62
N SER B 26 10.37 -8.84 11.57
CA SER B 26 9.33 -9.85 11.65
C SER B 26 9.94 -11.25 11.78
N GLN B 27 11.21 -11.39 11.43
CA GLN B 27 11.98 -12.62 11.48
C GLN B 27 13.36 -12.34 12.06
N SER B 28 13.95 -13.36 12.72
CA SER B 28 15.30 -13.26 13.24
C SER B 28 16.29 -13.02 12.11
N LEU B 29 17.24 -12.10 12.36
CA LEU B 29 18.26 -11.73 11.38
C LEU B 29 19.60 -12.35 11.79
N LEU B 30 19.57 -13.23 12.81
CA LEU B 30 20.76 -13.88 13.31
C LEU B 30 21.03 -15.15 12.52
N TYR B 31 22.17 -15.18 11.84
CA TYR B 31 22.62 -16.31 11.06
C TYR B 31 23.49 -17.21 11.94
N SER B 32 23.03 -18.45 12.16
CA SER B 32 23.65 -19.35 13.13
C SER B 32 25.04 -19.83 12.70
N SER B 33 25.34 -19.84 11.39
CA SER B 33 26.66 -20.25 10.95
C SER B 33 27.76 -19.28 11.36
N ASP B 34 27.49 -17.97 11.35
CA ASP B 34 28.56 -17.02 11.62
C ASP B 34 28.25 -16.14 12.83
N GLN B 35 27.07 -16.32 13.44
CA GLN B 35 26.63 -15.62 14.66
C GLN B 35 26.48 -14.12 14.41
N LYS B 36 26.28 -13.72 13.14
CA LYS B 36 26.09 -12.31 12.81
C LYS B 36 24.62 -12.00 12.53
N ASN B 37 24.21 -10.81 12.95
CA ASN B 37 22.90 -10.26 12.66
C ASN B 37 23.02 -9.42 11.39
N TYR B 38 22.25 -9.77 10.37
CA TYR B 38 22.32 -9.13 9.07
C TYR B 38 21.38 -7.92 9.05
N LEU B 39 21.81 -6.91 9.79
CA LEU B 39 21.06 -5.68 10.01
C LEU B 39 22.00 -4.49 9.85
N ALA B 40 21.55 -3.53 9.03
CA ALA B 40 22.31 -2.31 8.79
C ALA B 40 21.50 -1.07 9.19
N TRP B 41 22.20 0.03 9.54
CA TRP B 41 21.58 1.32 9.77
C TRP B 41 22.14 2.34 8.79
N TYR B 42 21.24 3.12 8.18
CA TYR B 42 21.59 4.19 7.27
C TYR B 42 21.08 5.53 7.81
N GLN B 43 21.85 6.58 7.52
CA GLN B 43 21.45 7.96 7.70
C GLN B 43 21.13 8.55 6.34
N GLN B 44 20.06 9.36 6.28
CA GLN B 44 19.86 10.18 5.09
C GLN B 44 19.44 11.60 5.48
N LYS B 45 20.14 12.56 4.87
CA LYS B 45 19.82 13.97 5.00
C LYS B 45 19.23 14.44 3.68
N PRO B 46 18.43 15.53 3.68
CA PRO B 46 17.64 15.89 2.49
C PRO B 46 18.57 16.22 1.32
N GLY B 47 18.20 15.71 0.14
CA GLY B 47 18.97 15.93 -1.08
C GLY B 47 20.30 15.18 -1.11
N GLN B 48 20.59 14.31 -0.13
CA GLN B 48 21.85 13.59 -0.09
C GLN B 48 21.58 12.10 -0.26
N SER B 49 22.62 11.35 -0.65
CA SER B 49 22.54 9.90 -0.71
C SER B 49 22.54 9.34 0.71
N PRO B 50 21.88 8.18 0.93
CA PRO B 50 22.01 7.46 2.18
C PRO B 50 23.48 7.18 2.51
N LYS B 51 23.79 7.20 3.79
CA LYS B 51 25.11 6.88 4.29
C LYS B 51 25.01 5.71 5.27
N LEU B 52 25.82 4.67 5.04
CA LEU B 52 25.86 3.52 5.93
C LEU B 52 26.54 3.89 7.25
N LEU B 53 25.86 3.63 8.37
CA LEU B 53 26.46 3.88 9.67
C LEU B 53 26.98 2.59 10.30
N ILE B 54 26.15 1.54 10.26
CA ILE B 54 26.33 0.34 11.06
C ILE B 54 25.95 -0.83 10.17
N TYR B 55 26.73 -1.92 10.23
CA TYR B 55 26.33 -3.20 9.64
C TYR B 55 26.70 -4.32 10.62
N TRP B 56 26.16 -5.51 10.35
CA TRP B 56 26.21 -6.64 11.26
C TRP B 56 25.72 -6.23 12.65
N ALA B 57 24.72 -5.34 12.67
CA ALA B 57 24.07 -4.83 13.86
C ALA B 57 24.95 -3.90 14.68
N SER B 58 26.27 -4.15 14.76
CA SER B 58 27.11 -3.42 15.71
C SER B 58 28.47 -2.99 15.15
N THR B 59 28.81 -3.32 13.89
CA THR B 59 30.07 -2.89 13.32
C THR B 59 29.89 -1.50 12.71
N ARG B 60 30.71 -0.54 13.16
CA ARG B 60 30.68 0.82 12.66
C ARG B 60 31.41 0.90 11.32
N GLU B 61 30.74 1.43 10.29
CA GLU B 61 31.33 1.62 8.97
C GLU B 61 32.46 2.64 9.07
N SER B 62 33.36 2.59 8.08
CA SER B 62 34.50 3.48 7.99
C SER B 62 34.06 4.94 7.94
N GLY B 63 34.76 5.81 8.67
CA GLY B 63 34.48 7.24 8.65
C GLY B 63 33.19 7.62 9.38
N VAL B 64 32.63 6.70 10.20
CA VAL B 64 31.46 7.02 10.99
C VAL B 64 31.90 7.41 12.39
N PRO B 65 31.43 8.55 12.94
CA PRO B 65 31.84 8.98 14.28
C PRO B 65 31.51 7.98 15.39
N ASP B 66 32.31 8.02 16.44
CA ASP B 66 32.18 7.05 17.52
C ASP B 66 30.90 7.26 18.34
N ARG B 67 30.27 8.43 18.23
CA ARG B 67 29.02 8.63 18.97
C ARG B 67 27.89 7.72 18.46
N PHE B 68 28.04 7.13 17.26
CA PHE B 68 27.07 6.20 16.75
C PHE B 68 27.38 4.76 17.20
N THR B 69 26.39 4.10 17.81
CA THR B 69 26.53 2.72 18.28
C THR B 69 25.31 1.89 17.91
N GLY B 70 25.52 0.74 17.27
CA GLY B 70 24.46 -0.24 17.04
C GLY B 70 24.56 -1.40 18.03
N SER B 71 23.39 -1.87 18.51
CA SER B 71 23.31 -3.07 19.34
C SER B 71 22.02 -3.83 19.04
N GLY B 72 21.87 -4.94 19.79
CA GLY B 72 20.73 -5.82 19.67
C GLY B 72 21.07 -7.03 18.80
N SER B 73 20.08 -7.92 18.67
CA SER B 73 20.26 -9.27 18.17
C SER B 73 18.88 -9.87 17.88
N GLY B 74 18.84 -10.73 16.86
CA GLY B 74 17.63 -11.47 16.56
C GLY B 74 16.63 -10.62 15.80
N THR B 75 15.65 -10.07 16.54
CA THR B 75 14.57 -9.30 15.97
C THR B 75 14.51 -7.88 16.54
N ASP B 76 15.34 -7.57 17.55
CA ASP B 76 15.24 -6.32 18.29
C ASP B 76 16.58 -5.57 18.23
N PHE B 77 16.60 -4.40 17.58
CA PHE B 77 17.83 -3.67 17.33
C PHE B 77 17.71 -2.21 17.77
N THR B 78 18.85 -1.61 18.09
CA THR B 78 18.91 -0.25 18.59
C THR B 78 20.05 0.50 17.92
N LEU B 79 19.78 1.75 17.51
CA LEU B 79 20.82 2.68 17.14
C LEU B 79 20.84 3.79 18.18
N THR B 80 22.02 4.04 18.75
CA THR B 80 22.21 5.04 19.79
C THR B 80 23.14 6.10 19.21
N ILE B 81 22.80 7.37 19.46
CA ILE B 81 23.74 8.47 19.27
C ILE B 81 23.99 9.06 20.64
N SER B 82 25.24 9.00 21.08
CA SER B 82 25.59 9.67 22.31
C SER B 82 25.88 11.13 21.94
N SER B 83 25.37 12.04 22.74
CA SER B 83 25.57 13.46 22.51
C SER B 83 25.28 13.81 21.05
N VAL B 84 24.00 13.85 20.71
CA VAL B 84 23.57 14.15 19.37
C VAL B 84 23.98 15.59 19.02
N LYS B 85 24.45 15.75 17.78
CA LYS B 85 24.86 17.04 17.26
C LYS B 85 23.84 17.51 16.24
N ALA B 86 23.86 18.81 15.91
CA ALA B 86 22.92 19.36 14.96
C ALA B 86 23.05 18.65 13.61
N GLU B 87 24.28 18.25 13.24
CA GLU B 87 24.50 17.57 11.95
C GLU B 87 23.88 16.18 11.94
N ASP B 88 23.48 15.65 13.11
CA ASP B 88 22.88 14.33 13.18
C ASP B 88 21.36 14.37 13.05
N LEU B 89 20.79 15.56 12.92
CA LEU B 89 19.34 15.65 12.76
C LEU B 89 19.03 15.26 11.32
N ALA B 90 18.42 14.07 11.16
CA ALA B 90 18.28 13.42 9.87
C ALA B 90 17.32 12.26 10.04
N VAL B 91 17.14 11.50 8.96
CA VAL B 91 16.32 10.31 9.00
C VAL B 91 17.25 9.10 9.08
N TYR B 92 16.89 8.17 9.97
CA TYR B 92 17.61 6.93 10.17
C TYR B 92 16.71 5.77 9.77
N TYR B 93 17.25 4.93 8.87
CA TYR B 93 16.58 3.74 8.38
C TYR B 93 17.38 2.49 8.75
N CYS B 94 16.71 1.48 9.33
CA CYS B 94 17.29 0.16 9.39
C CYS B 94 17.00 -0.60 8.10
N GLN B 95 17.87 -1.55 7.76
CA GLN B 95 17.68 -2.43 6.63
C GLN B 95 18.12 -3.84 7.02
N GLN B 96 17.29 -4.84 6.74
CA GLN B 96 17.74 -6.24 6.86
C GLN B 96 18.48 -6.63 5.58
N CYS B 97 19.57 -7.40 5.76
CA CYS B 97 20.42 -7.88 4.67
C CYS B 97 20.48 -9.41 4.73
N TYR B 98 19.45 -10.03 5.33
CA TYR B 98 19.43 -11.43 5.69
C TYR B 98 18.95 -12.28 4.51
N SER B 99 17.92 -11.79 3.81
CA SER B 99 17.41 -12.43 2.62
C SER B 99 16.79 -11.42 1.69
N TYR B 100 16.71 -11.81 0.41
CA TYR B 100 15.98 -11.07 -0.61
C TYR B 100 14.49 -11.33 -0.45
N PRO B 101 13.61 -10.34 -0.75
CA PRO B 101 14.03 -8.98 -1.08
C PRO B 101 14.53 -8.19 0.15
N PHE B 102 15.57 -7.37 -0.05
CA PHE B 102 16.03 -6.47 0.99
C PHE B 102 14.90 -5.50 1.32
N THR B 103 14.69 -5.26 2.62
CA THR B 103 13.60 -4.46 3.11
C THR B 103 14.13 -3.50 4.18
N PHE B 104 13.53 -2.30 4.22
CA PHE B 104 13.95 -1.24 5.11
C PHE B 104 12.79 -0.92 6.05
N GLY B 105 13.11 -0.38 7.22
CA GLY B 105 12.11 0.25 8.08
C GLY B 105 11.65 1.58 7.50
N SER B 106 10.59 2.14 8.09
CA SER B 106 9.96 3.33 7.55
C SER B 106 10.69 4.60 8.01
N GLY B 107 11.64 4.46 8.92
CA GLY B 107 12.54 5.53 9.28
C GLY B 107 12.13 6.25 10.55
N THR B 108 13.14 6.83 11.23
CA THR B 108 12.93 7.72 12.36
C THR B 108 13.65 9.03 12.05
N LYS B 109 12.87 10.11 12.06
CA LYS B 109 13.40 11.43 11.79
C LYS B 109 13.70 12.13 13.12
N LEU B 110 14.92 12.63 13.25
CA LEU B 110 15.32 13.36 14.44
C LEU B 110 15.14 14.87 14.20
N GLU B 111 14.36 15.53 15.07
CA GLU B 111 14.21 16.97 15.04
C GLU B 111 14.68 17.55 16.38
N ARG B 112 14.85 18.87 16.42
CA ARG B 112 15.49 19.54 17.55
C ARG B 112 14.42 20.04 18.51
N LYS B 113 14.62 19.73 19.79
CA LYS B 113 13.83 20.31 20.86
C LYS B 113 14.25 21.77 21.13
N ARG B 114 13.25 22.62 21.38
CA ARG B 114 13.42 24.00 21.80
C ARG B 114 12.22 24.38 22.67
N ALA B 115 12.19 25.63 23.15
CA ALA B 115 11.10 26.13 23.97
C ALA B 115 9.82 26.28 23.15
N ASP B 116 8.67 26.10 23.81
CA ASP B 116 7.37 26.27 23.15
C ASP B 116 7.22 27.71 22.71
N ALA B 117 6.54 27.87 21.57
CA ALA B 117 6.38 29.17 20.95
C ALA B 117 5.03 29.18 20.23
N ALA B 118 4.25 30.21 20.53
CA ALA B 118 2.94 30.43 19.94
C ALA B 118 3.11 30.88 18.49
N PRO B 119 2.22 30.46 17.58
CA PRO B 119 2.28 30.90 16.18
C PRO B 119 1.91 32.37 16.05
N THR B 120 2.56 33.06 15.11
CA THR B 120 2.06 34.34 14.61
C THR B 120 1.14 34.07 13.43
N VAL B 121 -0.13 34.45 13.58
CA VAL B 121 -1.17 34.14 12.62
C VAL B 121 -1.57 35.39 11.84
N SER B 122 -1.71 35.26 10.53
CA SER B 122 -2.21 36.37 9.74
C SER B 122 -3.01 35.85 8.55
N ILE B 123 -4.12 36.52 8.24
CA ILE B 123 -5.03 36.12 7.19
C ILE B 123 -5.03 37.21 6.11
N PHE B 124 -5.25 36.77 4.87
CA PHE B 124 -5.13 37.63 3.70
C PHE B 124 -6.32 37.39 2.78
N PRO B 125 -7.05 38.47 2.41
CA PRO B 125 -8.08 38.37 1.40
C PRO B 125 -7.49 38.02 0.04
N PRO B 126 -8.29 37.47 -0.88
CA PRO B 126 -7.84 37.30 -2.28
C PRO B 126 -7.42 38.62 -2.90
N SER B 127 -6.38 38.60 -3.75
CA SER B 127 -5.94 39.80 -4.43
C SER B 127 -6.97 40.21 -5.48
N SER B 128 -7.08 41.51 -5.74
CA SER B 128 -8.04 41.97 -6.74
C SER B 128 -7.69 41.38 -8.10
N GLU B 129 -6.38 41.17 -8.34
CA GLU B 129 -5.89 40.52 -9.56
C GLU B 129 -6.42 39.09 -9.68
N GLN B 130 -6.40 38.31 -8.59
CA GLN B 130 -6.88 36.95 -8.65
C GLN B 130 -8.39 36.95 -8.94
N LEU B 131 -9.12 37.82 -8.23
CA LEU B 131 -10.56 37.97 -8.40
C LEU B 131 -10.94 38.30 -9.84
N THR B 132 -10.19 39.22 -10.47
CA THR B 132 -10.44 39.59 -11.86
C THR B 132 -10.36 38.35 -12.76
N SER B 133 -9.48 37.40 -12.46
CA SER B 133 -9.39 36.20 -13.28
C SER B 133 -10.23 35.05 -12.71
N GLY B 134 -11.15 35.38 -11.79
CA GLY B 134 -12.23 34.49 -11.43
C GLY B 134 -11.95 33.60 -10.23
N GLY B 135 -10.84 33.83 -9.53
CA GLY B 135 -10.45 32.96 -8.44
C GLY B 135 -10.41 33.71 -7.11
N ALA B 136 -10.47 32.99 -5.99
CA ALA B 136 -10.38 33.59 -4.68
C ALA B 136 -9.68 32.62 -3.71
N SER B 137 -8.38 32.83 -3.53
CA SER B 137 -7.60 32.09 -2.55
C SER B 137 -7.45 32.96 -1.31
N VAL B 138 -7.95 32.45 -0.19
CA VAL B 138 -7.82 33.12 1.09
C VAL B 138 -6.73 32.38 1.86
N VAL B 139 -5.70 33.11 2.28
CA VAL B 139 -4.48 32.50 2.78
C VAL B 139 -4.31 32.90 4.23
N CYS B 140 -3.95 31.88 5.03
CA CYS B 140 -3.64 32.08 6.43
C CYS B 140 -2.28 31.48 6.75
N PHE B 141 -1.37 32.29 7.34
CA PHE B 141 -0.05 31.88 7.75
C PHE B 141 -0.03 31.71 9.27
N LEU B 142 0.52 30.58 9.71
CA LEU B 142 0.78 30.30 11.11
C LEU B 142 2.27 30.07 11.26
N ASN B 143 3.00 31.11 11.71
CA ASN B 143 4.42 31.18 11.54
C ASN B 143 5.13 31.03 12.89
N ASN B 144 6.22 30.25 12.85
CA ASN B 144 7.23 30.22 13.90
C ASN B 144 6.63 29.74 15.23
N PHE B 145 6.03 28.55 15.22
CA PHE B 145 5.51 27.94 16.42
C PHE B 145 6.31 26.68 16.77
N TYR B 146 6.21 26.28 18.02
CA TYR B 146 6.81 25.05 18.53
C TYR B 146 5.97 24.61 19.72
N PRO B 147 5.58 23.32 19.86
CA PRO B 147 5.96 22.26 18.93
C PRO B 147 5.14 22.22 17.65
N LYS B 148 5.38 21.18 16.83
CA LYS B 148 4.93 21.20 15.44
C LYS B 148 3.45 20.88 15.30
N ASP B 149 2.84 20.30 16.36
CA ASP B 149 1.42 19.99 16.33
C ASP B 149 0.57 21.26 16.43
N ILE B 150 -0.32 21.42 15.46
CA ILE B 150 -1.21 22.57 15.38
C ILE B 150 -2.47 22.16 14.60
N ASN B 151 -3.59 22.80 14.92
CA ASN B 151 -4.87 22.60 14.27
CA ASN B 151 -4.83 22.60 14.20
C ASN B 151 -5.33 23.95 13.72
N VAL B 152 -5.73 24.01 12.45
CA VAL B 152 -6.31 25.23 11.88
C VAL B 152 -7.75 24.94 11.49
N LYS B 153 -8.61 25.91 11.75
CA LYS B 153 -10.02 25.83 11.47
C LYS B 153 -10.45 27.09 10.71
N TRP B 154 -11.12 26.89 9.57
CA TRP B 154 -11.71 27.97 8.81
C TRP B 154 -13.19 28.11 9.18
N LYS B 155 -13.65 29.36 9.27
CA LYS B 155 -15.07 29.67 9.41
C LYS B 155 -15.47 30.72 8.36
N ILE B 156 -16.55 30.41 7.62
CA ILE B 156 -17.15 31.37 6.70
C ILE B 156 -18.48 31.82 7.30
N ASP B 157 -18.62 33.13 7.54
CA ASP B 157 -19.84 33.68 8.12
C ASP B 157 -20.18 32.88 9.37
N GLY B 158 -19.18 32.65 10.22
CA GLY B 158 -19.35 31.98 11.51
C GLY B 158 -19.47 30.46 11.41
N SER B 159 -19.49 29.92 10.19
CA SER B 159 -19.79 28.52 9.95
C SER B 159 -18.49 27.79 9.53
N GLU B 160 -18.23 26.61 10.10
CA GLU B 160 -16.98 25.88 9.84
C GLU B 160 -16.94 25.33 8.42
N ARG B 161 -15.80 25.48 7.75
CA ARG B 161 -15.61 25.13 6.35
C ARG B 161 -14.43 24.16 6.23
N GLN B 162 -14.63 23.03 5.55
CA GLN B 162 -13.62 22.00 5.45
C GLN B 162 -13.13 21.81 4.02
N ASN B 163 -13.97 22.13 3.03
CA ASN B 163 -13.68 21.77 1.65
C ASN B 163 -12.97 22.92 0.95
N GLY B 164 -12.02 22.57 0.08
CA GLY B 164 -11.20 23.52 -0.63
C GLY B 164 -10.04 24.07 0.19
N VAL B 165 -9.72 23.43 1.32
CA VAL B 165 -8.64 23.86 2.22
C VAL B 165 -7.40 23.02 1.96
N LEU B 166 -6.29 23.69 1.62
CA LEU B 166 -5.02 23.03 1.38
C LEU B 166 -4.02 23.55 2.40
N ASN B 167 -3.33 22.61 3.06
CA ASN B 167 -2.38 22.93 4.10
C ASN B 167 -0.97 22.51 3.68
N SER B 168 0.02 23.27 4.14
CA SER B 168 1.42 23.03 3.83
C SER B 168 2.26 23.40 5.05
N TRP B 169 3.18 22.51 5.43
CA TRP B 169 4.00 22.63 6.62
C TRP B 169 5.46 22.70 6.18
N THR B 170 6.19 23.68 6.73
CA THR B 170 7.61 23.73 6.50
C THR B 170 8.30 22.63 7.34
N ASP B 171 9.49 22.23 6.88
CA ASP B 171 10.41 21.48 7.72
C ASP B 171 10.88 22.39 8.84
N GLN B 172 11.43 21.81 9.91
CA GLN B 172 11.89 22.58 11.05
C GLN B 172 12.92 23.62 10.60
N ASP B 173 12.77 24.85 11.09
CA ASP B 173 13.67 25.93 10.73
C ASP B 173 15.07 25.63 11.27
N SER B 174 16.08 25.83 10.42
CA SER B 174 17.44 25.46 10.81
C SER B 174 18.07 26.53 11.67
N LYS B 175 17.48 27.73 11.76
CA LYS B 175 18.02 28.78 12.61
C LYS B 175 17.35 28.81 13.98
N ASP B 176 16.00 28.73 14.04
CA ASP B 176 15.33 28.96 15.30
C ASP B 176 14.53 27.74 15.76
N SER B 177 14.56 26.65 14.97
CA SER B 177 13.97 25.37 15.32
C SER B 177 12.44 25.41 15.43
N THR B 178 11.78 26.41 14.83
CA THR B 178 10.34 26.48 14.84
C THR B 178 9.77 25.86 13.57
N TYR B 179 8.44 25.72 13.56
CA TYR B 179 7.69 25.24 12.42
C TYR B 179 6.74 26.35 11.97
N SER B 180 6.41 26.32 10.69
CA SER B 180 5.42 27.19 10.13
C SER B 180 4.46 26.38 9.28
N MET B 181 3.32 26.98 8.99
CA MET B 181 2.28 26.33 8.24
C MET B 181 1.47 27.38 7.48
N SER B 182 1.05 27.02 6.27
CA SER B 182 0.13 27.79 5.46
CA SER B 182 0.13 27.80 5.47
C SER B 182 -1.17 27.00 5.32
N SER B 183 -2.31 27.70 5.39
CA SER B 183 -3.61 27.13 5.16
C SER B 183 -4.33 28.02 4.16
N THR B 184 -4.72 27.43 3.02
CA THR B 184 -5.28 28.18 1.92
C THR B 184 -6.68 27.63 1.61
N LEU B 185 -7.66 28.52 1.64
CA LEU B 185 -9.01 28.18 1.27
C LEU B 185 -9.26 28.68 -0.14
N THR B 186 -9.44 27.76 -1.10
CA THR B 186 -9.58 28.15 -2.49
C THR B 186 -11.04 28.05 -2.90
N LEU B 187 -11.55 29.18 -3.40
CA LEU B 187 -12.93 29.36 -3.82
C LEU B 187 -12.90 29.93 -5.23
N THR B 188 -14.03 29.83 -5.95
CA THR B 188 -14.28 30.67 -7.10
C THR B 188 -14.61 32.08 -6.61
N LYS B 189 -14.47 33.06 -7.50
CA LYS B 189 -14.83 34.43 -7.16
C LYS B 189 -16.28 34.48 -6.70
N ASP B 190 -17.17 33.77 -7.42
CA ASP B 190 -18.60 33.81 -7.13
C ASP B 190 -18.88 33.24 -5.75
N GLU B 191 -18.25 32.11 -5.38
CA GLU B 191 -18.42 31.51 -4.06
C GLU B 191 -17.97 32.52 -3.00
N TYR B 192 -16.78 33.09 -3.21
CA TYR B 192 -16.19 34.02 -2.26
C TYR B 192 -17.15 35.18 -2.00
N GLU B 193 -17.78 35.68 -3.07
CA GLU B 193 -18.57 36.90 -3.01
C GLU B 193 -19.97 36.63 -2.45
N ARG B 194 -20.33 35.36 -2.23
CA ARG B 194 -21.56 35.01 -1.55
C ARG B 194 -21.44 35.14 -0.03
N HIS B 195 -20.25 35.39 0.53
CA HIS B 195 -20.09 35.41 1.97
C HIS B 195 -19.38 36.69 2.37
N ASN B 196 -19.43 37.01 3.66
CA ASN B 196 -18.97 38.32 4.13
C ASN B 196 -17.83 38.23 5.14
N SER B 197 -17.73 37.10 5.85
CA SER B 197 -16.84 36.98 6.98
C SER B 197 -15.97 35.74 6.80
N TYR B 198 -14.65 35.94 6.84
CA TYR B 198 -13.67 34.86 6.69
C TYR B 198 -12.78 34.81 7.94
N THR B 199 -12.67 33.62 8.55
CA THR B 199 -11.95 33.45 9.81
C THR B 199 -11.00 32.25 9.72
N CYS B 200 -9.77 32.47 10.18
CA CYS B 200 -8.76 31.45 10.37
C CYS B 200 -8.50 31.33 11.87
N GLU B 201 -8.68 30.13 12.46
CA GLU B 201 -8.44 29.90 13.88
C GLU B 201 -7.40 28.80 14.09
N ALA B 202 -6.37 29.10 14.89
CA ALA B 202 -5.29 28.17 15.16
C ALA B 202 -5.30 27.77 16.63
N THR B 203 -5.33 26.44 16.88
CA THR B 203 -5.19 25.96 18.24
C THR B 203 -3.87 25.17 18.37
N HIS B 204 -3.17 25.53 19.42
CA HIS B 204 -1.80 25.12 19.68
C HIS B 204 -1.69 24.98 21.18
N LYS B 205 -0.82 24.09 21.66
CA LYS B 205 -0.73 23.80 23.09
C LYS B 205 -0.33 25.03 23.91
N THR B 206 0.20 26.08 23.26
CA THR B 206 0.67 27.28 23.93
C THR B 206 -0.49 28.11 24.44
N SER B 207 -1.73 27.82 24.01
CA SER B 207 -2.89 28.49 24.57
C SER B 207 -4.11 27.58 24.65
N THR B 208 -4.94 27.85 25.67
CA THR B 208 -6.22 27.20 25.92
C THR B 208 -7.29 27.61 24.90
N SER B 209 -7.19 28.84 24.41
CA SER B 209 -8.15 29.33 23.42
C SER B 209 -7.45 29.55 22.09
N PRO B 210 -8.19 29.43 20.97
CA PRO B 210 -7.59 29.61 19.65
C PRO B 210 -7.17 31.04 19.38
N ILE B 211 -6.13 31.17 18.56
CA ILE B 211 -5.76 32.45 17.97
C ILE B 211 -6.65 32.63 16.74
N VAL B 212 -7.35 33.76 16.71
CA VAL B 212 -8.41 34.02 15.75
C VAL B 212 -8.06 35.25 14.91
N LYS B 213 -8.07 35.09 13.59
CA LYS B 213 -7.81 36.14 12.63
C LYS B 213 -8.93 36.14 11.60
N SER B 214 -9.50 37.32 11.31
CA SER B 214 -10.60 37.37 10.36
C SER B 214 -10.60 38.69 9.59
N PHE B 215 -11.42 38.74 8.55
CA PHE B 215 -11.67 39.94 7.79
C PHE B 215 -13.07 39.83 7.23
N ASN B 216 -13.65 40.98 6.87
CA ASN B 216 -14.92 41.06 6.19
C ASN B 216 -14.64 41.59 4.79
N ARG B 217 -15.21 40.95 3.77
CA ARG B 217 -15.03 41.49 2.42
C ARG B 217 -16.03 42.63 2.22
N GLN C 1 -32.58 -7.64 -18.35
CA GLN C 1 -32.39 -6.76 -19.51
C GLN C 1 -30.94 -6.25 -19.52
N VAL C 2 -30.56 -5.48 -18.50
CA VAL C 2 -29.22 -4.91 -18.43
C VAL C 2 -28.21 -6.04 -18.19
N GLN C 3 -27.15 -6.07 -18.98
CA GLN C 3 -26.03 -6.97 -18.73
C GLN C 3 -24.70 -6.29 -19.02
N LEU C 4 -23.69 -6.63 -18.21
CA LEU C 4 -22.29 -6.32 -18.49
C LEU C 4 -21.52 -7.63 -18.56
N GLN C 5 -21.18 -8.08 -19.78
CA GLN C 5 -20.52 -9.36 -19.98
C GLN C 5 -19.03 -9.16 -20.19
N GLN C 6 -18.22 -9.68 -19.26
CA GLN C 6 -16.78 -9.49 -19.35
C GLN C 6 -16.13 -10.68 -20.04
N SER C 7 -14.92 -10.43 -20.55
CA SER C 7 -14.11 -11.44 -21.22
C SER C 7 -13.58 -12.45 -20.19
N ASP C 8 -13.05 -13.55 -20.73
CA ASP C 8 -12.62 -14.71 -19.97
C ASP C 8 -11.32 -14.45 -19.20
N ALA C 9 -11.04 -15.35 -18.24
CA ALA C 9 -9.84 -15.36 -17.43
C ALA C 9 -8.58 -15.25 -18.28
N GLU C 10 -7.57 -14.57 -17.73
CA GLU C 10 -6.32 -14.32 -18.42
C GLU C 10 -5.17 -14.81 -17.56
N LEU C 11 -4.20 -15.42 -18.22
CA LEU C 11 -2.93 -15.81 -17.65
C LEU C 11 -1.84 -15.23 -18.54
N VAL C 12 -1.00 -14.35 -17.95
CA VAL C 12 -0.04 -13.57 -18.72
C VAL C 12 1.29 -13.55 -17.97
N LYS C 13 2.39 -13.44 -18.72
CA LYS C 13 3.73 -13.34 -18.16
C LYS C 13 3.98 -11.91 -17.67
N PRO C 14 4.85 -11.73 -16.67
CA PRO C 14 5.29 -10.38 -16.26
C PRO C 14 5.81 -9.59 -17.46
N GLY C 15 5.43 -8.32 -17.55
CA GLY C 15 5.94 -7.47 -18.61
C GLY C 15 4.98 -7.38 -19.79
N ALA C 16 4.08 -8.35 -19.89
CA ALA C 16 3.13 -8.34 -20.98
C ALA C 16 1.98 -7.37 -20.67
N SER C 17 1.12 -7.20 -21.65
CA SER C 17 -0.10 -6.40 -21.53
C SER C 17 -1.29 -7.34 -21.62
N VAL C 18 -2.44 -6.88 -21.14
CA VAL C 18 -3.69 -7.61 -21.27
C VAL C 18 -4.77 -6.58 -21.60
N LYS C 19 -5.82 -7.01 -22.31
CA LYS C 19 -6.92 -6.10 -22.60
C LYS C 19 -8.23 -6.85 -22.33
N ILE C 20 -8.96 -6.37 -21.32
CA ILE C 20 -10.19 -7.00 -20.85
C ILE C 20 -11.36 -6.23 -21.47
N SER C 21 -12.44 -6.93 -21.82
CA SER C 21 -13.59 -6.30 -22.43
C SER C 21 -14.82 -6.47 -21.54
N CYS C 22 -15.78 -5.58 -21.78
CA CYS C 22 -17.00 -5.48 -21.00
C CYS C 22 -18.12 -5.04 -21.95
N LYS C 23 -18.95 -6.00 -22.36
CA LYS C 23 -19.96 -5.75 -23.37
C LYS C 23 -21.30 -5.45 -22.69
N ALA C 24 -21.80 -4.24 -22.93
CA ALA C 24 -23.02 -3.73 -22.33
C ALA C 24 -24.21 -4.06 -23.25
N SER C 25 -25.33 -4.45 -22.64
CA SER C 25 -26.59 -4.51 -23.36
C SER C 25 -27.76 -4.18 -22.43
N GLY C 26 -28.90 -3.86 -23.05
CA GLY C 26 -30.15 -3.66 -22.34
C GLY C 26 -30.40 -2.21 -21.99
N TYR C 27 -29.50 -1.32 -22.42
CA TYR C 27 -29.66 0.11 -22.21
C TYR C 27 -28.88 0.87 -23.28
N ILE C 28 -29.02 2.20 -23.28
CA ILE C 28 -28.32 3.06 -24.21
C ILE C 28 -26.90 3.29 -23.68
N PHE C 29 -25.92 2.77 -24.43
CA PHE C 29 -24.53 2.67 -24.00
C PHE C 29 -23.99 4.05 -23.61
N ALA C 30 -24.31 5.09 -24.38
CA ALA C 30 -23.76 6.44 -24.16
C ALA C 30 -24.38 7.13 -22.94
N ASP C 31 -25.38 6.52 -22.30
CA ASP C 31 -26.07 7.18 -21.20
C ASP C 31 -25.33 7.03 -19.86
N HIS C 32 -24.38 6.10 -19.76
CA HIS C 32 -23.76 5.77 -18.49
C HIS C 32 -22.26 5.51 -18.63
N ALA C 33 -21.50 6.05 -17.67
CA ALA C 33 -20.08 5.75 -17.54
C ALA C 33 -19.87 4.28 -17.12
N ILE C 34 -18.77 3.70 -17.61
CA ILE C 34 -18.28 2.38 -17.19
C ILE C 34 -17.04 2.62 -16.33
N HIS C 35 -17.13 2.24 -15.05
CA HIS C 35 -16.03 2.27 -14.09
C HIS C 35 -15.36 0.90 -14.04
N TRP C 36 -14.08 0.88 -13.69
CA TRP C 36 -13.34 -0.35 -13.49
C TRP C 36 -12.84 -0.42 -12.06
N VAL C 37 -12.88 -1.63 -11.48
CA VAL C 37 -12.59 -1.85 -10.07
C VAL C 37 -11.76 -3.13 -9.95
N LYS C 38 -10.73 -3.08 -9.09
CA LYS C 38 -9.84 -4.20 -8.84
C LYS C 38 -10.18 -4.84 -7.50
N ARG C 39 -10.38 -6.14 -7.51
CA ARG C 39 -10.60 -6.95 -6.32
C ARG C 39 -9.43 -7.93 -6.17
N LYS C 40 -8.49 -7.59 -5.29
CA LYS C 40 -7.33 -8.46 -5.08
C LYS C 40 -7.47 -9.15 -3.74
N PRO C 41 -7.16 -10.45 -3.64
CA PRO C 41 -7.22 -11.16 -2.35
C PRO C 41 -6.52 -10.35 -1.26
N GLU C 42 -7.24 -10.16 -0.13
CA GLU C 42 -6.74 -9.47 1.06
C GLU C 42 -6.55 -7.96 0.83
N GLN C 43 -7.03 -7.41 -0.30
CA GLN C 43 -6.85 -5.99 -0.58
C GLN C 43 -8.17 -5.32 -0.98
N GLY C 44 -9.31 -5.96 -0.63
CA GLY C 44 -10.64 -5.39 -0.80
C GLY C 44 -10.84 -4.91 -2.24
N LEU C 45 -11.41 -3.70 -2.37
CA LEU C 45 -11.78 -3.14 -3.66
C LEU C 45 -11.02 -1.85 -3.91
N GLU C 46 -10.63 -1.63 -5.16
CA GLU C 46 -9.92 -0.42 -5.52
C GLU C 46 -10.45 0.11 -6.85
N TRP C 47 -10.80 1.39 -6.86
CA TRP C 47 -11.28 2.06 -8.06
C TRP C 47 -10.15 2.43 -9.01
N ILE C 48 -10.29 2.07 -10.28
CA ILE C 48 -9.27 2.30 -11.29
C ILE C 48 -9.54 3.58 -12.10
N GLY C 49 -10.80 3.82 -12.47
CA GLY C 49 -11.15 4.93 -13.33
C GLY C 49 -12.44 4.65 -14.07
N TYR C 50 -12.86 5.55 -14.96
CA TYR C 50 -14.06 5.33 -15.76
C TYR C 50 -13.87 5.89 -17.15
N ILE C 51 -14.66 5.35 -18.08
CA ILE C 51 -14.92 6.00 -19.35
C ILE C 51 -16.41 6.27 -19.49
N SER C 52 -16.70 7.53 -19.86
CA SER C 52 -18.05 8.03 -20.09
C SER C 52 -18.24 8.16 -21.59
N PRO C 53 -18.85 7.18 -22.32
CA PRO C 53 -18.87 7.25 -23.77
C PRO C 53 -19.71 8.38 -24.38
N GLY C 54 -20.63 8.93 -23.59
CA GLY C 54 -21.50 10.02 -24.03
C GLY C 54 -20.76 11.33 -24.29
N ASN C 55 -19.82 11.66 -23.40
CA ASN C 55 -19.06 12.89 -23.51
C ASN C 55 -17.57 12.60 -23.75
N ASP C 56 -17.18 11.34 -23.98
CA ASP C 56 -15.80 10.93 -24.04
C ASP C 56 -14.96 11.44 -22.88
N ASP C 57 -15.52 11.49 -21.67
CA ASP C 57 -14.75 11.84 -20.48
C ASP C 57 -14.11 10.54 -19.96
N ILE C 58 -12.80 10.60 -19.71
CA ILE C 58 -12.05 9.50 -19.14
C ILE C 58 -11.32 10.04 -17.93
N LYS C 59 -11.47 9.35 -16.80
CA LYS C 59 -10.81 9.74 -15.57
C LYS C 59 -10.17 8.51 -14.93
N TYR C 60 -8.94 8.71 -14.42
CA TYR C 60 -8.16 7.65 -13.81
C TYR C 60 -7.87 7.99 -12.37
N ASN C 61 -7.88 6.97 -11.50
CA ASN C 61 -7.12 6.97 -10.26
C ASN C 61 -5.66 7.28 -10.62
N GLU C 62 -5.05 8.25 -9.93
CA GLU C 62 -3.66 8.62 -10.17
C GLU C 62 -2.75 7.40 -10.23
N LYS C 63 -2.98 6.41 -9.36
CA LYS C 63 -2.18 5.20 -9.29
C LYS C 63 -2.19 4.44 -10.61
N PHE C 64 -3.28 4.55 -11.39
CA PHE C 64 -3.43 3.75 -12.60
C PHE C 64 -3.21 4.55 -13.87
N LYS C 65 -3.06 5.88 -13.75
CA LYS C 65 -2.82 6.73 -14.92
C LYS C 65 -1.40 6.48 -15.40
N GLY C 66 -1.29 5.96 -16.62
CA GLY C 66 -0.05 5.51 -17.24
C GLY C 66 0.10 3.99 -17.21
N LYS C 67 -0.76 3.29 -16.48
CA LYS C 67 -0.69 1.83 -16.36
C LYS C 67 -1.90 1.19 -17.07
N ALA C 68 -3.10 1.73 -16.79
CA ALA C 68 -4.34 1.32 -17.44
C ALA C 68 -4.73 2.28 -18.54
N THR C 69 -5.31 1.74 -19.61
CA THR C 69 -5.93 2.53 -20.66
C THR C 69 -7.37 2.05 -20.83
N LEU C 70 -8.32 3.00 -20.65
CA LEU C 70 -9.74 2.74 -20.83
C LEU C 70 -10.16 3.27 -22.20
N THR C 71 -10.77 2.38 -22.99
CA THR C 71 -11.38 2.72 -24.26
C THR C 71 -12.81 2.18 -24.28
N ALA C 72 -13.54 2.58 -25.33
CA ALA C 72 -14.92 2.19 -25.53
C ALA C 72 -15.20 2.24 -27.03
N ASP C 73 -15.90 1.20 -27.51
CA ASP C 73 -16.34 1.08 -28.89
C ASP C 73 -17.85 1.21 -28.89
N LYS C 74 -18.32 2.37 -29.36
CA LYS C 74 -19.75 2.68 -29.29
C LYS C 74 -20.49 1.77 -30.25
N SER C 75 -19.90 1.44 -31.40
CA SER C 75 -20.58 0.59 -32.36
C SER C 75 -20.88 -0.80 -31.79
N SER C 76 -20.08 -1.31 -30.84
CA SER C 76 -20.30 -2.66 -30.31
C SER C 76 -20.73 -2.64 -28.84
N SER C 77 -21.02 -1.45 -28.29
CA SER C 77 -21.42 -1.30 -26.89
C SER C 77 -20.43 -1.98 -25.95
N THR C 78 -19.13 -1.76 -26.19
CA THR C 78 -18.09 -2.48 -25.47
C THR C 78 -17.06 -1.49 -24.92
N ALA C 79 -16.78 -1.63 -23.63
CA ALA C 79 -15.69 -0.94 -22.95
C ALA C 79 -14.52 -1.91 -22.76
N TYR C 80 -13.31 -1.35 -22.76
CA TYR C 80 -12.07 -2.10 -22.68
C TYR C 80 -11.18 -1.46 -21.63
N MET C 81 -10.46 -2.33 -20.90
CA MET C 81 -9.38 -1.90 -20.05
C MET C 81 -8.13 -2.69 -20.42
N GLN C 82 -7.10 -1.94 -20.82
CA GLN C 82 -5.78 -2.49 -21.05
C GLN C 82 -4.90 -2.17 -19.86
N LEU C 83 -4.18 -3.20 -19.36
CA LEU C 83 -3.16 -3.04 -18.34
C LEU C 83 -1.81 -3.41 -18.96
N ASN C 84 -0.79 -2.56 -18.72
CA ASN C 84 0.52 -2.74 -19.30
C ASN C 84 1.58 -3.03 -18.22
N SER C 85 2.73 -3.56 -18.68
CA SER C 85 3.87 -3.87 -17.82
C SER C 85 3.41 -4.65 -16.59
N LEU C 86 2.78 -5.80 -16.82
CA LEU C 86 2.13 -6.52 -15.74
C LEU C 86 3.15 -7.11 -14.77
N THR C 87 2.81 -7.07 -13.48
CA THR C 87 3.54 -7.67 -12.40
C THR C 87 2.58 -8.52 -11.58
N SER C 88 3.10 -9.30 -10.62
CA SER C 88 2.24 -10.15 -9.81
C SER C 88 1.31 -9.32 -8.90
N GLU C 89 1.62 -8.04 -8.69
CA GLU C 89 0.72 -7.11 -8.01
C GLU C 89 -0.58 -6.90 -8.79
N ASP C 90 -0.55 -7.16 -10.11
CA ASP C 90 -1.72 -7.00 -10.96
C ASP C 90 -2.64 -8.22 -10.93
N SER C 91 -2.18 -9.35 -10.38
CA SER C 91 -3.03 -10.51 -10.27
C SER C 91 -4.23 -10.17 -9.38
N ALA C 92 -5.45 -10.36 -9.90
CA ALA C 92 -6.67 -9.91 -9.25
C ALA C 92 -7.89 -10.27 -10.10
N VAL C 93 -9.08 -9.97 -9.55
CA VAL C 93 -10.32 -9.95 -10.30
C VAL C 93 -10.63 -8.51 -10.67
N TYR C 94 -10.87 -8.25 -11.96
CA TYR C 94 -11.26 -6.93 -12.42
C TYR C 94 -12.73 -6.94 -12.82
N PHE C 95 -13.48 -5.95 -12.30
CA PHE C 95 -14.89 -5.74 -12.62
C PHE C 95 -15.05 -4.46 -13.42
N CYS C 96 -15.92 -4.48 -14.43
CA CYS C 96 -16.52 -3.27 -14.95
C CYS C 96 -17.85 -3.09 -14.26
N LYS C 97 -18.29 -1.85 -14.16
CA LYS C 97 -19.57 -1.58 -13.53
C LYS C 97 -20.08 -0.26 -14.05
N ARG C 98 -21.40 -0.10 -13.97
CA ARG C 98 -22.07 1.01 -14.59
C ARG C 98 -22.37 2.11 -13.56
N SER C 99 -22.07 3.35 -13.96
CA SER C 99 -22.55 4.57 -13.31
C SER C 99 -21.90 4.70 -11.92
N LEU C 100 -22.44 5.64 -11.14
CA LEU C 100 -22.09 5.90 -9.76
C LEU C 100 -22.96 5.01 -8.88
N PRO C 101 -22.65 4.89 -7.56
CA PRO C 101 -23.58 4.26 -6.63
C PRO C 101 -24.89 5.05 -6.61
N GLY C 102 -25.95 4.31 -6.85
CA GLY C 102 -27.27 4.85 -7.04
C GLY C 102 -28.06 3.86 -7.86
N THR C 103 -29.09 4.40 -8.48
CA THR C 103 -30.12 3.64 -9.12
C THR C 103 -29.56 2.86 -10.33
N PHE C 104 -28.50 3.34 -10.99
CA PHE C 104 -27.99 2.72 -12.19
C PHE C 104 -26.81 1.76 -11.92
N ASP C 105 -26.44 1.58 -10.65
CA ASP C 105 -25.33 0.73 -10.24
C ASP C 105 -25.54 -0.70 -10.76
N TYR C 106 -24.60 -1.24 -11.52
CA TYR C 106 -24.70 -2.58 -12.08
C TYR C 106 -23.28 -3.06 -12.39
N TRP C 107 -22.99 -4.36 -12.12
CA TRP C 107 -21.65 -4.92 -12.22
C TRP C 107 -21.58 -6.03 -13.25
N GLY C 108 -20.42 -6.16 -13.92
CA GLY C 108 -20.09 -7.36 -14.67
C GLY C 108 -19.72 -8.51 -13.74
N GLN C 109 -19.46 -9.69 -14.32
CA GLN C 109 -19.30 -10.90 -13.53
C GLN C 109 -17.84 -11.00 -13.04
N GLY C 110 -16.95 -10.15 -13.58
CA GLY C 110 -15.55 -10.12 -13.20
C GLY C 110 -14.69 -10.92 -14.17
N THR C 111 -13.41 -10.52 -14.32
CA THR C 111 -12.40 -11.23 -15.10
C THR C 111 -11.18 -11.46 -14.21
N THR C 112 -10.76 -12.74 -14.05
CA THR C 112 -9.55 -13.04 -13.30
C THR C 112 -8.30 -12.83 -14.16
N LEU C 113 -7.31 -12.16 -13.58
CA LEU C 113 -5.99 -12.05 -14.19
C LEU C 113 -4.95 -12.64 -13.24
N THR C 114 -4.17 -13.59 -13.80
CA THR C 114 -3.02 -14.13 -13.11
C THR C 114 -1.76 -13.77 -13.89
N VAL C 115 -0.78 -13.21 -13.18
CA VAL C 115 0.48 -12.81 -13.80
C VAL C 115 1.58 -13.71 -13.24
N SER C 116 2.22 -14.51 -14.12
CA SER C 116 3.23 -15.48 -13.71
C SER C 116 4.17 -15.82 -14.85
N SER C 117 5.44 -16.07 -14.50
CA SER C 117 6.44 -16.49 -15.48
C SER C 117 6.55 -18.01 -15.51
N ALA C 118 5.74 -18.70 -14.72
CA ALA C 118 5.86 -20.15 -14.61
C ALA C 118 5.41 -20.82 -15.91
N LYS C 119 5.85 -22.08 -16.08
CA LYS C 119 5.51 -22.92 -17.21
C LYS C 119 4.45 -23.94 -16.77
N THR C 120 3.56 -24.30 -17.70
CA THR C 120 2.58 -25.34 -17.43
C THR C 120 3.29 -26.61 -16.95
N THR C 121 2.86 -27.14 -15.81
CA THR C 121 3.55 -28.20 -15.11
C THR C 121 2.48 -29.12 -14.51
N PRO C 122 2.49 -30.43 -14.79
CA PRO C 122 1.51 -31.32 -14.17
C PRO C 122 1.84 -31.56 -12.71
N PRO C 123 0.82 -31.97 -11.92
CA PRO C 123 1.02 -32.23 -10.49
C PRO C 123 1.73 -33.57 -10.25
N SER C 124 2.54 -33.61 -9.20
CA SER C 124 2.96 -34.86 -8.58
C SER C 124 2.00 -35.16 -7.44
N VAL C 125 1.44 -36.36 -7.41
CA VAL C 125 0.43 -36.70 -6.43
C VAL C 125 1.00 -37.79 -5.54
N TYR C 126 0.96 -37.54 -4.23
CA TYR C 126 1.48 -38.49 -3.27
C TYR C 126 0.34 -38.97 -2.39
N PRO C 127 0.23 -40.29 -2.16
CA PRO C 127 -0.79 -40.85 -1.27
C PRO C 127 -0.46 -40.55 0.19
N LEU C 128 -1.50 -40.29 1.01
CA LEU C 128 -1.33 -40.09 2.43
C LEU C 128 -2.10 -41.19 3.17
N ALA C 129 -1.34 -42.14 3.73
CA ALA C 129 -1.88 -43.25 4.51
C ALA C 129 -1.34 -43.14 5.94
N PRO C 130 -2.10 -43.59 6.96
CA PRO C 130 -1.66 -43.46 8.36
C PRO C 130 -0.37 -44.21 8.70
N GLY C 131 0.39 -43.65 9.66
CA GLY C 131 1.57 -44.26 10.23
C GLY C 131 1.21 -45.37 11.21
N ASN C 137 -9.89 -46.23 15.71
CA ASN C 137 -11.11 -45.38 15.65
C ASN C 137 -12.10 -46.02 14.70
N SER C 138 -13.38 -45.62 14.74
CA SER C 138 -14.37 -46.13 13.80
C SER C 138 -14.21 -45.52 12.40
N MET C 139 -13.63 -44.31 12.33
CA MET C 139 -13.41 -43.59 11.08
C MET C 139 -11.91 -43.51 10.81
N VAL C 140 -11.51 -43.48 9.54
CA VAL C 140 -10.12 -43.29 9.20
C VAL C 140 -10.02 -42.14 8.19
N THR C 141 -9.01 -41.28 8.36
CA THR C 141 -8.71 -40.23 7.39
C THR C 141 -7.54 -40.65 6.52
N LEU C 142 -7.73 -40.50 5.20
CA LEU C 142 -6.69 -40.67 4.19
C LEU C 142 -6.56 -39.35 3.43
N GLY C 143 -5.57 -39.25 2.54
CA GLY C 143 -5.41 -38.01 1.79
C GLY C 143 -4.49 -38.17 0.60
N CYS C 144 -4.44 -37.10 -0.21
CA CYS C 144 -3.49 -36.92 -1.29
C CYS C 144 -2.84 -35.57 -1.19
N LEU C 145 -1.53 -35.55 -1.41
CA LEU C 145 -0.76 -34.32 -1.54
C LEU C 145 -0.51 -34.10 -3.03
N VAL C 146 -0.87 -32.91 -3.51
CA VAL C 146 -0.80 -32.57 -4.92
C VAL C 146 0.15 -31.39 -5.05
N LYS C 147 1.32 -31.66 -5.62
CA LYS C 147 2.47 -30.78 -5.44
C LYS C 147 3.03 -30.39 -6.81
N GLY C 148 3.34 -29.10 -6.95
CA GLY C 148 4.25 -28.64 -7.97
C GLY C 148 3.56 -28.44 -9.32
N TYR C 149 2.31 -27.98 -9.32
CA TYR C 149 1.60 -27.83 -10.59
C TYR C 149 1.45 -26.34 -10.92
N PHE C 150 1.19 -26.09 -12.20
CA PHE C 150 0.94 -24.75 -12.69
C PHE C 150 0.25 -24.85 -14.04
N PRO C 151 -0.80 -24.03 -14.35
CA PRO C 151 -1.45 -23.12 -13.41
C PRO C 151 -2.62 -23.73 -12.62
N GLU C 152 -3.33 -22.90 -11.85
CA GLU C 152 -4.64 -23.28 -11.32
C GLU C 152 -5.61 -23.45 -12.47
N PRO C 153 -6.68 -24.27 -12.32
CA PRO C 153 -6.93 -25.09 -11.13
C PRO C 153 -6.59 -26.57 -11.33
N VAL C 154 -6.74 -27.32 -10.23
CA VAL C 154 -6.89 -28.77 -10.27
C VAL C 154 -8.25 -29.12 -9.66
N THR C 155 -8.79 -30.29 -10.02
CA THR C 155 -9.93 -30.87 -9.34
C THR C 155 -9.49 -32.18 -8.67
N VAL C 156 -10.01 -32.42 -7.46
CA VAL C 156 -9.78 -33.64 -6.75
C VAL C 156 -11.12 -34.30 -6.47
N THR C 157 -11.28 -35.57 -6.81
CA THR C 157 -12.41 -36.37 -6.38
C THR C 157 -11.84 -37.63 -5.74
N TRP C 158 -12.74 -38.41 -5.13
CA TRP C 158 -12.39 -39.63 -4.43
C TRP C 158 -13.33 -40.75 -4.90
N ASN C 159 -12.75 -41.88 -5.32
CA ASN C 159 -13.46 -42.95 -6.00
C ASN C 159 -14.38 -42.42 -7.10
N SER C 160 -13.84 -41.52 -7.92
CA SER C 160 -14.51 -40.96 -9.08
C SER C 160 -15.83 -40.26 -8.74
N GLY C 161 -15.88 -39.59 -7.58
CA GLY C 161 -17.03 -38.79 -7.23
C GLY C 161 -18.03 -39.57 -6.36
N SER C 162 -17.82 -40.88 -6.20
CA SER C 162 -18.75 -41.70 -5.45
C SER C 162 -18.45 -41.63 -3.95
N LEU C 163 -17.28 -41.08 -3.57
CA LEU C 163 -17.01 -40.61 -2.23
C LEU C 163 -17.30 -39.11 -2.17
N SER C 164 -18.58 -38.82 -1.93
CA SER C 164 -19.15 -37.50 -2.13
C SER C 164 -19.17 -36.72 -0.83
N SER C 165 -18.95 -37.42 0.29
CA SER C 165 -19.00 -36.86 1.63
C SER C 165 -17.66 -37.08 2.30
N GLY C 166 -17.38 -36.25 3.32
CA GLY C 166 -16.23 -36.44 4.18
C GLY C 166 -14.93 -36.03 3.48
N VAL C 167 -15.05 -35.21 2.42
CA VAL C 167 -13.89 -34.72 1.68
C VAL C 167 -13.59 -33.29 2.09
N HIS C 168 -12.31 -32.95 2.27
CA HIS C 168 -11.88 -31.57 2.34
C HIS C 168 -10.72 -31.37 1.36
N THR C 169 -10.93 -30.52 0.34
CA THR C 169 -9.86 -30.11 -0.54
C THR C 169 -9.44 -28.67 -0.19
N PHE C 170 -8.16 -28.48 0.12
CA PHE C 170 -7.70 -27.22 0.65
C PHE C 170 -7.31 -26.29 -0.49
N PRO C 171 -7.49 -24.96 -0.33
CA PRO C 171 -6.93 -23.97 -1.25
C PRO C 171 -5.43 -24.17 -1.48
N ALA C 172 -5.02 -24.06 -2.74
CA ALA C 172 -3.64 -24.26 -3.13
C ALA C 172 -2.80 -23.12 -2.55
N VAL C 173 -1.53 -23.41 -2.29
CA VAL C 173 -0.57 -22.42 -1.84
C VAL C 173 0.54 -22.37 -2.89
N LEU C 174 1.13 -21.19 -3.07
CA LEU C 174 2.17 -20.96 -4.07
C LEU C 174 3.53 -21.18 -3.41
N GLN C 175 4.38 -22.00 -4.04
CA GLN C 175 5.71 -22.28 -3.54
C GLN C 175 6.67 -22.42 -4.73
N SER C 176 7.54 -21.43 -4.92
CA SER C 176 8.54 -21.44 -5.98
C SER C 176 7.86 -21.40 -7.34
N ASP C 177 6.81 -20.58 -7.43
CA ASP C 177 6.04 -20.35 -8.64
C ASP C 177 5.11 -21.51 -8.96
N LEU C 178 5.08 -22.55 -8.11
CA LEU C 178 4.23 -23.71 -8.36
C LEU C 178 3.22 -23.89 -7.22
N TYR C 179 2.07 -24.50 -7.54
CA TYR C 179 0.98 -24.68 -6.60
C TYR C 179 1.10 -26.06 -5.94
N THR C 180 0.69 -26.10 -4.66
CA THR C 180 0.50 -27.33 -3.90
C THR C 180 -0.81 -27.26 -3.11
N LEU C 181 -1.58 -28.36 -3.14
CA LEU C 181 -2.69 -28.52 -2.23
C LEU C 181 -2.76 -29.94 -1.71
N SER C 182 -3.57 -30.16 -0.67
CA SER C 182 -3.88 -31.48 -0.17
C SER C 182 -5.38 -31.65 -0.11
N SER C 183 -5.81 -32.90 -0.11
CA SER C 183 -7.20 -33.28 0.03
C SER C 183 -7.27 -34.40 1.07
N SER C 184 -8.22 -34.33 2.01
CA SER C 184 -8.49 -35.44 2.91
C SER C 184 -9.84 -36.09 2.55
N VAL C 185 -9.97 -37.38 2.85
CA VAL C 185 -11.24 -38.06 2.86
C VAL C 185 -11.33 -38.90 4.14
N THR C 186 -12.52 -38.95 4.74
CA THR C 186 -12.74 -39.69 5.97
C THR C 186 -13.78 -40.75 5.67
N VAL C 187 -13.44 -42.02 5.92
CA VAL C 187 -14.27 -43.17 5.59
C VAL C 187 -14.36 -44.09 6.80
N PRO C 188 -15.34 -45.00 6.87
CA PRO C 188 -15.38 -46.01 7.94
C PRO C 188 -14.15 -46.92 7.89
N SER C 189 -13.61 -47.24 9.08
CA SER C 189 -12.45 -48.12 9.23
C SER C 189 -12.73 -49.47 8.60
N SER C 190 -13.98 -49.91 8.63
CA SER C 190 -14.35 -51.21 8.07
C SER C 190 -14.15 -51.22 6.55
N THR C 191 -14.32 -50.06 5.89
CA THR C 191 -14.27 -50.00 4.44
C THR C 191 -12.85 -49.85 3.90
N TRP C 192 -11.88 -49.48 4.75
CA TRP C 192 -10.51 -49.34 4.28
C TRP C 192 -9.56 -49.99 5.29
N PRO C 193 -8.51 -50.71 4.88
CA PRO C 193 -8.17 -50.92 3.46
C PRO C 193 -8.86 -52.06 2.71
N SER C 194 -9.93 -52.62 3.28
CA SER C 194 -10.58 -53.76 2.65
C SER C 194 -11.19 -53.34 1.30
N GLU C 195 -11.54 -52.05 1.14
CA GLU C 195 -11.95 -51.52 -0.15
C GLU C 195 -10.96 -50.46 -0.64
N THR C 196 -11.01 -50.28 -1.97
CA THR C 196 -10.18 -49.34 -2.69
C THR C 196 -10.64 -47.93 -2.37
N VAL C 197 -9.66 -47.08 -1.98
CA VAL C 197 -9.84 -45.65 -1.97
C VAL C 197 -8.78 -45.05 -2.87
N THR C 198 -9.25 -44.29 -3.87
CA THR C 198 -8.42 -43.70 -4.91
C THR C 198 -8.71 -42.21 -4.98
N CYS C 199 -7.67 -41.39 -5.03
CA CYS C 199 -7.89 -39.98 -5.29
C CYS C 199 -7.61 -39.69 -6.76
N ASN C 200 -8.52 -38.91 -7.36
CA ASN C 200 -8.51 -38.62 -8.79
C ASN C 200 -8.25 -37.13 -8.96
N VAL C 201 -7.05 -36.80 -9.41
CA VAL C 201 -6.66 -35.43 -9.63
C VAL C 201 -6.72 -35.15 -11.13
N ALA C 202 -7.34 -34.04 -11.53
CA ALA C 202 -7.34 -33.64 -12.92
C ALA C 202 -6.72 -32.26 -13.04
N HIS C 203 -5.82 -32.08 -14.01
CA HIS C 203 -5.22 -30.80 -14.30
C HIS C 203 -5.48 -30.45 -15.77
N PRO C 204 -6.58 -29.74 -16.09
CA PRO C 204 -6.93 -29.48 -17.48
C PRO C 204 -5.83 -28.81 -18.31
N ALA C 205 -5.02 -27.92 -17.71
CA ALA C 205 -4.03 -27.17 -18.46
C ALA C 205 -2.93 -28.10 -19.02
N SER C 206 -2.63 -29.21 -18.37
CA SER C 206 -1.63 -30.14 -18.89
C SER C 206 -2.29 -31.36 -19.49
N SER C 207 -3.64 -31.38 -19.52
CA SER C 207 -4.46 -32.50 -19.96
C SER C 207 -4.15 -33.76 -19.17
N THR C 208 -3.92 -33.59 -17.87
CA THR C 208 -3.40 -34.66 -17.04
C THR C 208 -4.47 -35.17 -16.08
N LYS C 209 -4.53 -36.50 -15.91
CA LYS C 209 -5.32 -37.13 -14.85
C LYS C 209 -4.41 -38.05 -14.06
N VAL C 210 -4.48 -37.95 -12.74
CA VAL C 210 -3.72 -38.82 -11.86
C VAL C 210 -4.70 -39.55 -10.96
N ASP C 211 -4.65 -40.89 -10.98
CA ASP C 211 -5.45 -41.73 -10.12
C ASP C 211 -4.52 -42.46 -9.17
N LYS C 212 -4.47 -41.99 -7.92
CA LYS C 212 -3.53 -42.55 -6.96
C LYS C 212 -4.30 -43.36 -5.94
N LYS C 213 -4.03 -44.67 -5.92
CA LYS C 213 -4.62 -45.57 -4.96
C LYS C 213 -3.92 -45.38 -3.61
N ILE C 214 -4.71 -45.30 -2.54
CA ILE C 214 -4.16 -45.19 -1.19
C ILE C 214 -3.98 -46.60 -0.66
N VAL C 215 -2.71 -47.02 -0.55
CA VAL C 215 -2.35 -48.35 -0.14
C VAL C 215 -1.86 -48.26 1.31
N PRO C 216 -2.26 -49.19 2.20
CA PRO C 216 -1.86 -49.09 3.62
C PRO C 216 -0.34 -49.07 3.82
N ASP D 1 -6.23 11.73 -0.46
CA ASP D 1 -7.18 10.61 -0.76
C ASP D 1 -7.94 10.25 0.51
N ILE D 2 -9.25 10.05 0.40
CA ILE D 2 -10.03 9.74 1.60
C ILE D 2 -9.75 8.30 2.00
N VAL D 3 -9.45 8.11 3.28
CA VAL D 3 -9.16 6.80 3.84
C VAL D 3 -10.42 6.32 4.56
N MET D 4 -10.87 5.10 4.24
CA MET D 4 -12.05 4.51 4.82
C MET D 4 -11.61 3.37 5.73
N SER D 5 -12.20 3.28 6.92
CA SER D 5 -11.87 2.20 7.82
C SER D 5 -13.16 1.55 8.29
N GLN D 6 -13.12 0.22 8.45
CA GLN D 6 -14.29 -0.53 8.88
C GLN D 6 -13.98 -1.38 10.10
N SER D 7 -14.99 -1.58 10.95
CA SER D 7 -14.92 -2.52 12.06
C SER D 7 -16.29 -3.12 12.32
N PRO D 8 -16.38 -4.37 12.84
CA PRO D 8 -15.21 -5.23 13.06
C PRO D 8 -14.74 -5.83 11.73
N SER D 9 -13.58 -6.47 11.76
CA SER D 9 -13.05 -7.25 10.64
C SER D 9 -14.01 -8.36 10.24
N SER D 10 -14.50 -9.08 11.25
CA SER D 10 -15.44 -10.15 11.06
C SER D 10 -16.23 -10.36 12.35
N LEU D 11 -17.35 -11.07 12.21
CA LEU D 11 -18.31 -11.22 13.27
C LEU D 11 -19.13 -12.47 13.00
N ALA D 12 -19.12 -13.38 13.98
CA ALA D 12 -19.94 -14.56 13.99
C ALA D 12 -21.32 -14.16 14.49
N VAL D 13 -22.32 -14.42 13.65
CA VAL D 13 -23.66 -13.95 13.89
C VAL D 13 -24.59 -15.15 13.82
N SER D 14 -25.69 -15.11 14.59
CA SER D 14 -26.79 -16.06 14.55
C SER D 14 -27.97 -15.49 13.77
N VAL D 15 -28.68 -16.36 13.03
CA VAL D 15 -29.87 -15.92 12.34
C VAL D 15 -30.84 -15.30 13.36
N GLY D 16 -31.43 -14.15 13.03
CA GLY D 16 -32.38 -13.48 13.91
C GLY D 16 -31.74 -12.36 14.74
N GLU D 17 -30.41 -12.35 14.89
CA GLU D 17 -29.72 -11.37 15.72
C GLU D 17 -29.68 -10.02 14.99
N LYS D 18 -29.60 -8.93 15.78
CA LYS D 18 -29.35 -7.61 15.25
C LYS D 18 -27.85 -7.45 15.06
N VAL D 19 -27.41 -6.89 13.91
CA VAL D 19 -25.98 -6.68 13.74
C VAL D 19 -25.73 -5.26 13.29
N THR D 20 -24.64 -4.69 13.82
CA THR D 20 -24.20 -3.33 13.51
C THR D 20 -22.75 -3.40 13.01
N MET D 21 -22.48 -2.69 11.92
CA MET D 21 -21.15 -2.58 11.33
C MET D 21 -20.83 -1.10 11.21
N SER D 22 -19.57 -0.72 11.45
CA SER D 22 -19.16 0.68 11.46
CA SER D 22 -19.20 0.69 11.42
C SER D 22 -18.19 0.96 10.32
N CYS D 23 -18.23 2.19 9.84
CA CYS D 23 -17.36 2.67 8.79
C CYS D 23 -17.01 4.12 9.12
N LYS D 24 -15.73 4.45 9.03
CA LYS D 24 -15.25 5.78 9.38
C LYS D 24 -14.42 6.33 8.22
N SER D 25 -14.64 7.60 7.90
CA SER D 25 -13.93 8.29 6.83
C SER D 25 -12.91 9.25 7.45
N SER D 26 -11.78 9.45 6.75
CA SER D 26 -10.73 10.35 7.21
C SER D 26 -11.18 11.79 7.04
N GLN D 27 -12.18 12.01 6.18
CA GLN D 27 -12.74 13.31 5.86
C GLN D 27 -14.26 13.23 5.88
N SER D 28 -14.91 14.36 6.19
CA SER D 28 -16.36 14.46 6.16
C SER D 28 -16.89 14.20 4.75
N LEU D 29 -17.97 13.42 4.67
CA LEU D 29 -18.61 13.03 3.42
C LEU D 29 -19.93 13.79 3.26
N LEU D 30 -20.17 14.76 4.14
CA LEU D 30 -21.39 15.55 4.13
C LEU D 30 -21.18 16.72 3.18
N TYR D 31 -21.99 16.76 2.12
CA TYR D 31 -21.95 17.85 1.17
C TYR D 31 -22.90 18.96 1.62
N SER D 32 -22.35 20.14 1.88
CA SER D 32 -23.08 21.23 2.51
C SER D 32 -24.19 21.78 1.62
N SER D 33 -24.06 21.66 0.30
CA SER D 33 -25.04 22.19 -0.63
C SER D 33 -26.35 21.42 -0.56
N ASP D 34 -26.27 20.08 -0.47
CA ASP D 34 -27.49 19.30 -0.55
C ASP D 34 -27.76 18.55 0.76
N GLN D 35 -26.87 18.68 1.74
CA GLN D 35 -26.97 18.05 3.06
C GLN D 35 -27.01 16.52 2.97
N LYS D 36 -26.43 15.95 1.91
CA LYS D 36 -26.34 14.50 1.77
C LYS D 36 -24.94 13.99 2.09
N ASN D 37 -24.87 12.79 2.68
CA ASN D 37 -23.62 12.10 2.94
C ASN D 37 -23.36 11.13 1.80
N TYR D 38 -22.18 11.27 1.18
CA TYR D 38 -21.84 10.51 -0.02
C TYR D 38 -21.08 9.25 0.38
N LEU D 39 -21.85 8.31 0.94
CA LEU D 39 -21.35 7.01 1.37
C LEU D 39 -22.27 5.90 0.82
N ALA D 40 -21.64 4.84 0.30
CA ALA D 40 -22.37 3.66 -0.18
C ALA D 40 -21.95 2.41 0.61
N TRP D 41 -22.87 1.43 0.72
CA TRP D 41 -22.53 0.12 1.27
C TRP D 41 -22.75 -0.94 0.19
N TYR D 42 -21.75 -1.81 0.02
CA TYR D 42 -21.84 -2.95 -0.88
C TYR D 42 -21.73 -4.26 -0.11
N GLN D 43 -22.40 -5.29 -0.66
CA GLN D 43 -22.34 -6.65 -0.19
C GLN D 43 -21.62 -7.46 -1.27
N GLN D 44 -20.76 -8.39 -0.87
CA GLN D 44 -20.16 -9.31 -1.83
C GLN D 44 -20.04 -10.69 -1.21
N LYS D 45 -20.48 -11.68 -1.95
CA LYS D 45 -20.40 -13.08 -1.60
C LYS D 45 -19.35 -13.73 -2.48
N PRO D 46 -18.79 -14.90 -2.09
CA PRO D 46 -17.78 -15.59 -2.87
C PRO D 46 -18.32 -15.95 -4.25
N GLY D 47 -17.48 -15.71 -5.26
CA GLY D 47 -17.84 -16.01 -6.64
C GLY D 47 -18.86 -15.04 -7.23
N GLN D 48 -19.26 -13.98 -6.50
CA GLN D 48 -20.27 -13.07 -6.99
C GLN D 48 -19.66 -11.68 -7.15
N SER D 49 -20.31 -10.82 -7.92
CA SER D 49 -19.96 -9.41 -8.01
C SER D 49 -20.45 -8.68 -6.77
N PRO D 50 -19.89 -7.51 -6.43
CA PRO D 50 -20.47 -6.67 -5.38
C PRO D 50 -21.90 -6.26 -5.76
N LYS D 51 -22.74 -6.11 -4.74
CA LYS D 51 -24.11 -5.68 -4.86
C LYS D 51 -24.33 -4.44 -4.01
N LEU D 52 -24.87 -3.36 -4.61
CA LEU D 52 -25.14 -2.14 -3.88
C LEU D 52 -26.32 -2.31 -2.94
N LEU D 53 -26.13 -1.94 -1.68
CA LEU D 53 -27.23 -2.01 -0.72
C LEU D 53 -27.77 -0.62 -0.41
N ILE D 54 -26.87 0.32 -0.18
CA ILE D 54 -27.21 1.64 0.37
C ILE D 54 -26.38 2.67 -0.39
N TYR D 55 -27.00 3.80 -0.72
CA TYR D 55 -26.26 4.98 -1.16
C TYR D 55 -26.84 6.22 -0.45
N TRP D 56 -26.12 7.33 -0.55
CA TRP D 56 -26.41 8.53 0.21
C TRP D 56 -26.54 8.21 1.69
N ALA D 57 -25.71 7.26 2.14
CA ALA D 57 -25.60 6.83 3.53
C ALA D 57 -26.83 6.07 4.03
N SER D 58 -28.04 6.42 3.55
CA SER D 58 -29.26 5.88 4.13
C SER D 58 -30.32 5.49 3.11
N THR D 59 -30.11 5.73 1.81
CA THR D 59 -31.09 5.33 0.81
C THR D 59 -30.84 3.87 0.42
N ARG D 60 -31.88 3.05 0.63
CA ARG D 60 -31.85 1.64 0.31
C ARG D 60 -32.09 1.46 -1.20
N GLU D 61 -31.23 0.71 -1.88
CA GLU D 61 -31.46 0.36 -3.28
C GLU D 61 -32.70 -0.53 -3.38
N SER D 62 -33.32 -0.53 -4.56
CA SER D 62 -34.52 -1.31 -4.81
C SER D 62 -34.21 -2.80 -4.66
N GLY D 63 -35.14 -3.55 -4.06
CA GLY D 63 -34.95 -4.97 -3.83
C GLY D 63 -34.19 -5.27 -2.55
N VAL D 64 -33.54 -4.28 -1.93
CA VAL D 64 -32.81 -4.55 -0.70
C VAL D 64 -33.81 -4.63 0.46
N PRO D 65 -33.79 -5.71 1.26
CA PRO D 65 -34.74 -5.87 2.36
C PRO D 65 -34.74 -4.73 3.38
N ASP D 66 -35.91 -4.52 4.00
CA ASP D 66 -36.09 -3.44 4.95
C ASP D 66 -35.28 -3.65 6.22
N ARG D 67 -34.81 -4.89 6.50
CA ARG D 67 -33.99 -5.12 7.68
C ARG D 67 -32.64 -4.40 7.59
N PHE D 68 -32.23 -3.98 6.39
CA PHE D 68 -31.04 -3.16 6.23
C PHE D 68 -31.35 -1.68 6.41
N THR D 69 -30.57 -1.06 7.29
CA THR D 69 -30.63 0.37 7.54
C THR D 69 -29.22 0.96 7.57
N GLY D 70 -28.99 1.96 6.71
CA GLY D 70 -27.79 2.79 6.77
C GLY D 70 -28.06 4.10 7.52
N SER D 71 -27.13 4.48 8.40
CA SER D 71 -27.23 5.70 9.18
C SER D 71 -25.85 6.32 9.39
N GLY D 72 -25.84 7.47 10.09
CA GLY D 72 -24.63 8.22 10.38
C GLY D 72 -24.49 9.45 9.47
N SER D 73 -23.43 10.21 9.71
CA SER D 73 -23.22 11.52 9.10
C SER D 73 -21.77 11.97 9.28
N GLY D 74 -21.24 12.73 8.32
CA GLY D 74 -19.91 13.29 8.45
C GLY D 74 -18.83 12.24 8.17
N THR D 75 -18.26 11.68 9.24
CA THR D 75 -17.17 10.73 9.16
C THR D 75 -17.55 9.37 9.76
N ASP D 76 -18.70 9.27 10.43
CA ASP D 76 -19.05 8.06 11.16
C ASP D 76 -20.36 7.49 10.65
N PHE D 77 -20.32 6.26 10.13
CA PHE D 77 -21.43 5.63 9.44
C PHE D 77 -21.63 4.22 9.96
N THR D 78 -22.87 3.72 9.83
CA THR D 78 -23.27 2.45 10.38
C THR D 78 -24.19 1.75 9.38
N LEU D 79 -23.98 0.44 9.19
CA LEU D 79 -24.96 -0.42 8.56
C LEU D 79 -25.49 -1.39 9.60
N THR D 80 -26.82 -1.40 9.73
CA THR D 80 -27.49 -2.23 10.72
C THR D 80 -28.36 -3.24 9.99
N ILE D 81 -28.35 -4.49 10.46
CA ILE D 81 -29.32 -5.50 10.04
C ILE D 81 -30.14 -5.82 11.26
N SER D 82 -31.45 -5.56 11.19
CA SER D 82 -32.26 -5.67 12.40
C SER D 82 -32.42 -7.12 12.83
N SER D 83 -32.47 -8.03 11.85
CA SER D 83 -32.66 -9.45 12.12
C SER D 83 -32.01 -10.26 11.00
N VAL D 84 -30.74 -10.61 11.23
CA VAL D 84 -29.87 -11.13 10.18
C VAL D 84 -30.40 -12.48 9.71
N LYS D 85 -30.28 -12.68 8.40
CA LYS D 85 -30.66 -13.92 7.74
C LYS D 85 -29.41 -14.58 7.19
N ALA D 86 -29.52 -15.87 6.84
CA ALA D 86 -28.40 -16.59 6.28
C ALA D 86 -27.94 -15.94 4.97
N GLU D 87 -28.86 -15.32 4.21
CA GLU D 87 -28.49 -14.73 2.95
C GLU D 87 -27.68 -13.46 3.18
N ASP D 88 -27.62 -12.96 4.42
CA ASP D 88 -26.82 -11.79 4.74
C ASP D 88 -25.38 -12.13 5.11
N LEU D 89 -25.04 -13.40 5.17
CA LEU D 89 -23.64 -13.78 5.45
C LEU D 89 -22.81 -13.48 4.20
N ALA D 90 -21.91 -12.51 4.34
CA ALA D 90 -21.19 -11.91 3.22
C ALA D 90 -20.16 -10.94 3.77
N VAL D 91 -19.42 -10.35 2.85
CA VAL D 91 -18.52 -9.25 3.18
C VAL D 91 -19.23 -7.94 2.80
N TYR D 92 -19.13 -6.97 3.71
CA TYR D 92 -19.71 -5.65 3.53
C TYR D 92 -18.60 -4.62 3.46
N TYR D 93 -18.61 -3.85 2.36
CA TYR D 93 -17.65 -2.81 2.10
C TYR D 93 -18.37 -1.47 2.03
N CYS D 94 -17.87 -0.47 2.77
CA CYS D 94 -18.33 0.89 2.55
C CYS D 94 -17.47 1.50 1.45
N GLN D 95 -18.03 2.49 0.75
CA GLN D 95 -17.32 3.24 -0.27
C GLN D 95 -17.73 4.70 -0.14
N GLN D 96 -16.75 5.63 -0.09
CA GLN D 96 -17.06 7.04 -0.20
C GLN D 96 -17.22 7.40 -1.68
N CYS D 97 -18.22 8.26 -1.94
CA CYS D 97 -18.56 8.72 -3.28
C CYS D 97 -18.49 10.25 -3.35
N TYR D 98 -17.72 10.82 -2.44
CA TYR D 98 -17.66 12.26 -2.23
C TYR D 98 -16.67 12.92 -3.20
N SER D 99 -15.51 12.29 -3.41
CA SER D 99 -14.54 12.78 -4.36
C SER D 99 -13.68 11.62 -4.89
N TYR D 100 -13.10 11.85 -6.07
CA TYR D 100 -12.13 10.97 -6.68
C TYR D 100 -10.78 11.14 -5.99
N PRO D 101 -9.98 10.05 -5.83
CA PRO D 101 -10.40 8.70 -6.23
C PRO D 101 -11.42 8.10 -5.26
N PHE D 102 -12.38 7.34 -5.80
CA PHE D 102 -13.26 6.55 -4.95
C PHE D 102 -12.45 5.53 -4.17
N THR D 103 -12.79 5.39 -2.88
CA THR D 103 -12.05 4.57 -1.95
C THR D 103 -13.02 3.77 -1.10
N PHE D 104 -12.60 2.54 -0.75
CA PHE D 104 -13.44 1.57 -0.08
C PHE D 104 -12.81 1.23 1.25
N GLY D 105 -13.64 0.78 2.22
CA GLY D 105 -13.11 0.18 3.43
C GLY D 105 -12.58 -1.22 3.19
N SER D 106 -11.99 -1.80 4.23
CA SER D 106 -11.32 -3.08 4.11
C SER D 106 -12.30 -4.22 4.33
N GLY D 107 -13.54 -3.90 4.74
CA GLY D 107 -14.61 -4.88 4.77
C GLY D 107 -14.89 -5.45 6.15
N THR D 108 -16.15 -5.83 6.37
CA THR D 108 -16.62 -6.59 7.53
C THR D 108 -17.29 -7.88 7.06
N LYS D 109 -16.75 -9.02 7.48
CA LYS D 109 -17.26 -10.32 7.04
C LYS D 109 -18.20 -10.86 8.12
N LEU D 110 -19.42 -11.17 7.71
CA LEU D 110 -20.40 -11.83 8.56
C LEU D 110 -20.31 -13.34 8.35
N GLU D 111 -20.05 -14.07 9.45
CA GLU D 111 -19.97 -15.51 9.41
C GLU D 111 -21.03 -16.09 10.33
N ARG D 112 -21.27 -17.40 10.16
CA ARG D 112 -22.34 -18.07 10.87
C ARG D 112 -21.81 -18.62 12.19
N LYS D 113 -22.51 -18.30 13.28
CA LYS D 113 -22.17 -18.82 14.59
C LYS D 113 -22.73 -20.24 14.68
N ARG D 114 -21.96 -21.12 15.33
CA ARG D 114 -22.40 -22.45 15.68
C ARG D 114 -21.72 -22.81 16.99
N ALA D 115 -22.05 -23.98 17.53
CA ALA D 115 -21.43 -24.47 18.75
C ALA D 115 -19.95 -24.79 18.50
N ASP D 116 -19.13 -24.64 19.54
CA ASP D 116 -17.71 -24.91 19.43
C ASP D 116 -17.52 -26.40 19.14
N ALA D 117 -16.52 -26.71 18.32
CA ALA D 117 -16.27 -28.05 17.85
C ALA D 117 -14.76 -28.26 17.76
N ALA D 118 -14.32 -29.37 18.37
CA ALA D 118 -12.91 -29.71 18.44
C ALA D 118 -12.46 -30.23 17.08
N PRO D 119 -11.22 -29.93 16.63
CA PRO D 119 -10.73 -30.45 15.37
C PRO D 119 -10.48 -31.95 15.42
N THR D 120 -10.74 -32.63 14.30
CA THR D 120 -10.23 -34.00 14.11
C THR D 120 -8.87 -33.91 13.43
N VAL D 121 -7.84 -34.36 14.15
CA VAL D 121 -6.46 -34.19 13.72
C VAL D 121 -5.88 -35.54 13.29
N SER D 122 -5.19 -35.55 12.14
CA SER D 122 -4.52 -36.74 11.69
C SER D 122 -3.22 -36.36 10.99
N ILE D 123 -2.18 -37.17 11.24
CA ILE D 123 -0.84 -36.89 10.74
C ILE D 123 -0.45 -38.04 9.80
N PHE D 124 0.38 -37.71 8.79
CA PHE D 124 0.69 -38.63 7.71
C PHE D 124 2.19 -38.58 7.42
N PRO D 125 2.87 -39.74 7.47
CA PRO D 125 4.28 -39.82 7.09
C PRO D 125 4.45 -39.55 5.60
N PRO D 126 5.68 -39.19 5.15
CA PRO D 126 5.98 -39.13 3.72
C PRO D 126 5.70 -40.48 3.04
N SER D 127 5.18 -40.43 1.81
CA SER D 127 4.84 -41.64 1.09
C SER D 127 6.13 -42.28 0.60
N SER D 128 6.11 -43.61 0.39
CA SER D 128 7.30 -44.28 -0.12
C SER D 128 7.64 -43.72 -1.50
N GLU D 129 6.60 -43.34 -2.27
CA GLU D 129 6.78 -42.69 -3.57
C GLU D 129 7.55 -41.37 -3.44
N GLN D 130 7.19 -40.53 -2.46
CA GLN D 130 7.86 -39.25 -2.33
C GLN D 130 9.33 -39.46 -1.95
N LEU D 131 9.56 -40.40 -1.02
CA LEU D 131 10.89 -40.72 -0.54
C LEU D 131 11.78 -41.23 -1.67
N THR D 132 11.24 -42.11 -2.54
CA THR D 132 11.99 -42.60 -3.69
C THR D 132 12.47 -41.43 -4.55
N SER D 133 11.67 -40.37 -4.69
CA SER D 133 12.11 -39.24 -5.49
C SER D 133 12.78 -38.15 -4.64
N GLY D 134 13.12 -38.46 -3.38
CA GLY D 134 14.12 -37.70 -2.65
C GLY D 134 13.53 -36.62 -1.73
N GLY D 135 12.19 -36.51 -1.65
CA GLY D 135 11.56 -35.54 -0.76
C GLY D 135 10.83 -36.20 0.42
N ALA D 136 10.46 -35.37 1.40
CA ALA D 136 9.74 -35.86 2.57
C ALA D 136 8.79 -34.78 3.11
N SER D 137 7.50 -34.91 2.77
CA SER D 137 6.46 -34.03 3.26
C SER D 137 5.69 -34.75 4.36
N VAL D 138 5.55 -34.09 5.50
CA VAL D 138 4.71 -34.60 6.56
C VAL D 138 3.45 -33.73 6.59
N VAL D 139 2.28 -34.39 6.53
CA VAL D 139 1.02 -33.65 6.41
C VAL D 139 0.17 -33.87 7.66
N CYS D 140 -0.46 -32.80 8.12
CA CYS D 140 -1.39 -32.83 9.23
C CYS D 140 -2.70 -32.14 8.83
N PHE D 141 -3.82 -32.89 8.90
CA PHE D 141 -5.17 -32.34 8.69
C PHE D 141 -5.83 -32.06 10.05
N LEU D 142 -6.39 -30.85 10.19
CA LEU D 142 -7.15 -30.43 11.36
C LEU D 142 -8.54 -30.04 10.87
N ASN D 143 -9.49 -30.97 10.98
CA ASN D 143 -10.72 -30.89 10.22
C ASN D 143 -11.90 -30.56 11.14
N ASN D 144 -12.79 -29.69 10.64
CA ASN D 144 -14.14 -29.53 11.17
C ASN D 144 -14.10 -29.01 12.61
N PHE D 145 -13.46 -27.86 12.80
CA PHE D 145 -13.45 -27.21 14.09
C PHE D 145 -14.17 -25.86 14.05
N TYR D 146 -14.59 -25.41 15.22
CA TYR D 146 -15.18 -24.09 15.39
C TYR D 146 -14.86 -23.64 16.81
N PRO D 147 -14.43 -22.37 17.05
CA PRO D 147 -14.30 -21.35 16.01
C PRO D 147 -12.99 -21.50 15.21
N LYS D 148 -12.74 -20.54 14.31
CA LYS D 148 -11.75 -20.70 13.27
C LYS D 148 -10.33 -20.53 13.80
N ASP D 149 -10.17 -19.91 14.98
CA ASP D 149 -8.85 -19.71 15.55
C ASP D 149 -8.31 -21.03 16.09
N ILE D 150 -7.10 -21.36 15.62
CA ILE D 150 -6.41 -22.57 16.00
C ILE D 150 -4.91 -22.30 15.85
N ASN D 151 -4.13 -22.94 16.70
CA ASN D 151 -2.68 -22.85 16.67
C ASN D 151 -2.14 -24.26 16.45
N VAL D 152 -1.31 -24.43 15.42
CA VAL D 152 -0.71 -25.73 15.13
C VAL D 152 0.79 -25.61 15.28
N LYS D 153 1.38 -26.62 15.91
CA LYS D 153 2.80 -26.67 16.17
C LYS D 153 3.35 -28.00 15.66
N TRP D 154 4.44 -27.92 14.88
CA TRP D 154 5.20 -29.10 14.50
C TRP D 154 6.36 -29.31 15.47
N LYS D 155 6.62 -30.58 15.80
CA LYS D 155 7.77 -30.96 16.61
C LYS D 155 8.49 -32.14 15.96
N ILE D 156 9.81 -32.01 15.82
CA ILE D 156 10.67 -33.10 15.37
C ILE D 156 11.52 -33.56 16.57
N ASP D 157 11.38 -34.83 16.95
CA ASP D 157 12.06 -35.37 18.12
C ASP D 157 11.87 -34.39 19.29
N GLY D 158 10.63 -33.98 19.51
CA GLY D 158 10.25 -33.15 20.66
C GLY D 158 10.52 -31.66 20.45
N SER D 159 11.23 -31.30 19.38
CA SER D 159 11.74 -29.96 19.18
C SER D 159 10.91 -29.22 18.12
N GLU D 160 10.48 -27.99 18.43
CA GLU D 160 9.59 -27.21 17.57
C GLU D 160 10.29 -26.82 16.27
N ARG D 161 9.57 -26.98 15.16
CA ARG D 161 10.08 -26.68 13.83
C ARG D 161 9.16 -25.67 13.16
N GLN D 162 9.73 -24.56 12.68
CA GLN D 162 8.95 -23.47 12.14
C GLN D 162 9.17 -23.31 10.64
N ASN D 163 10.35 -23.71 10.14
CA ASN D 163 10.73 -23.51 8.75
CA ASN D 163 10.71 -23.50 8.75
C ASN D 163 10.27 -24.70 7.91
N GLY D 164 9.83 -24.40 6.68
CA GLY D 164 9.36 -25.40 5.73
C GLY D 164 7.91 -25.81 5.97
N VAL D 165 7.15 -25.02 6.74
CA VAL D 165 5.77 -25.32 7.08
C VAL D 165 4.86 -24.47 6.21
N LEU D 166 3.96 -25.13 5.45
CA LEU D 166 2.94 -24.44 4.66
C LEU D 166 1.55 -24.83 5.15
N ASN D 167 0.72 -23.81 5.34
CA ASN D 167 -0.62 -23.94 5.88
C ASN D 167 -1.65 -23.45 4.86
N SER D 168 -2.84 -24.05 4.97
CA SER D 168 -3.99 -23.71 4.13
C SER D 168 -5.27 -23.88 4.96
N TRP D 169 -6.14 -22.87 4.91
CA TRP D 169 -7.37 -22.82 5.68
C TRP D 169 -8.54 -22.79 4.70
N THR D 170 -9.57 -23.61 4.97
CA THR D 170 -10.82 -23.50 4.22
C THR D 170 -11.64 -22.33 4.76
N ASP D 171 -12.50 -21.81 3.91
CA ASP D 171 -13.58 -20.92 4.33
C ASP D 171 -14.57 -21.73 5.17
N GLN D 172 -15.54 -21.03 5.77
CA GLN D 172 -16.56 -21.68 6.59
C GLN D 172 -17.36 -22.67 5.74
N ASP D 173 -17.55 -23.89 6.27
CA ASP D 173 -18.13 -24.98 5.51
C ASP D 173 -19.61 -24.69 5.28
N SER D 174 -20.11 -24.96 4.06
CA SER D 174 -21.47 -24.61 3.73
C SER D 174 -22.48 -25.61 4.29
N LYS D 175 -22.04 -26.81 4.73
CA LYS D 175 -22.93 -27.78 5.33
C LYS D 175 -22.97 -27.65 6.86
N ASP D 176 -21.81 -27.54 7.53
CA ASP D 176 -21.81 -27.64 8.99
C ASP D 176 -21.20 -26.41 9.67
N SER D 177 -20.76 -25.41 8.90
CA SER D 177 -20.30 -24.13 9.42
C SER D 177 -18.98 -24.22 10.18
N THR D 178 -18.23 -25.31 10.01
CA THR D 178 -16.92 -25.46 10.63
C THR D 178 -15.83 -24.97 9.69
N TYR D 179 -14.60 -24.94 10.23
CA TYR D 179 -13.40 -24.62 9.50
C TYR D 179 -12.50 -25.85 9.51
N SER D 180 -11.66 -25.95 8.47
CA SER D 180 -10.63 -26.97 8.42
C SER D 180 -9.31 -26.34 8.02
N MET D 181 -8.24 -27.06 8.32
CA MET D 181 -6.90 -26.59 8.02
C MET D 181 -6.00 -27.76 7.66
N SER D 182 -5.09 -27.51 6.72
CA SER D 182 -4.00 -28.41 6.37
C SER D 182 -2.67 -27.74 6.72
N SER D 183 -1.74 -28.52 7.27
CA SER D 183 -0.38 -28.08 7.55
C SER D 183 0.58 -29.12 6.98
N THR D 184 1.53 -28.67 6.15
CA THR D 184 2.55 -29.51 5.57
C THR D 184 3.94 -29.05 6.00
N LEU D 185 4.72 -29.96 6.58
CA LEU D 185 6.13 -29.70 6.87
C LEU D 185 6.95 -30.39 5.81
N THR D 186 7.66 -29.63 4.97
CA THR D 186 8.47 -30.22 3.91
C THR D 186 9.95 -30.23 4.31
N LEU D 187 10.55 -31.43 4.18
CA LEU D 187 11.96 -31.70 4.47
C LEU D 187 12.59 -32.38 3.26
N THR D 188 13.94 -32.43 3.24
CA THR D 188 14.65 -33.34 2.34
C THR D 188 14.57 -34.76 2.92
N LYS D 189 14.74 -35.77 2.07
CA LYS D 189 14.71 -37.15 2.54
C LYS D 189 15.77 -37.35 3.62
N ASP D 190 16.95 -36.77 3.40
CA ASP D 190 18.08 -36.96 4.31
C ASP D 190 17.77 -36.33 5.67
N GLU D 191 17.20 -35.11 5.68
CA GLU D 191 16.79 -34.45 6.93
C GLU D 191 15.77 -35.34 7.65
N TYR D 192 14.76 -35.81 6.92
CA TYR D 192 13.70 -36.61 7.48
C TYR D 192 14.28 -37.84 8.18
N GLU D 193 15.26 -38.48 7.54
CA GLU D 193 15.81 -39.73 8.02
C GLU D 193 16.78 -39.53 9.18
N ARG D 194 17.15 -38.28 9.50
CA ARG D 194 17.95 -37.97 10.67
C ARG D 194 17.14 -37.97 11.97
N HIS D 195 15.79 -38.02 11.90
CA HIS D 195 14.99 -37.89 13.10
C HIS D 195 14.01 -39.05 13.17
N ASN D 196 13.40 -39.24 14.35
CA ASN D 196 12.64 -40.46 14.62
C ASN D 196 11.18 -40.16 14.98
N SER D 197 10.92 -38.96 15.51
CA SER D 197 9.62 -38.64 16.07
C SER D 197 9.09 -37.37 15.41
N TYR D 198 7.88 -37.46 14.84
CA TYR D 198 7.21 -36.34 14.17
C TYR D 198 5.86 -36.09 14.83
N THR D 199 5.61 -34.83 15.22
CA THR D 199 4.43 -34.48 15.98
C THR D 199 3.73 -33.26 15.37
N CYS D 200 2.41 -33.36 15.24
CA CYS D 200 1.52 -32.25 14.97
C CYS D 200 0.68 -31.99 16.22
N GLU D 201 0.78 -30.78 16.79
CA GLU D 201 0.09 -30.41 18.02
C GLU D 201 -0.85 -29.22 17.79
N ALA D 202 -2.11 -29.37 18.20
CA ALA D 202 -3.11 -28.32 18.00
C ALA D 202 -3.62 -27.81 19.34
N THR D 203 -3.66 -26.48 19.48
CA THR D 203 -4.37 -25.87 20.60
C THR D 203 -5.57 -25.09 20.04
N HIS D 204 -6.70 -25.37 20.69
CA HIS D 204 -8.00 -24.89 20.27
C HIS D 204 -8.78 -24.67 21.56
N LYS D 205 -9.65 -23.65 21.59
CA LYS D 205 -10.31 -23.26 22.81
C LYS D 205 -11.26 -24.35 23.34
N THR D 206 -11.57 -25.37 22.53
CA THR D 206 -12.44 -26.46 22.94
C THR D 206 -11.77 -27.37 23.98
N SER D 207 -10.45 -27.24 24.13
CA SER D 207 -9.69 -28.12 25.00
C SER D 207 -8.59 -27.33 25.70
N THR D 208 -8.52 -27.63 26.97
CA THR D 208 -7.54 -27.10 27.89
C THR D 208 -6.19 -27.82 27.69
N SER D 209 -6.18 -29.03 27.11
CA SER D 209 -4.95 -29.76 26.81
C SER D 209 -4.81 -29.86 25.30
N PRO D 210 -3.59 -29.77 24.73
CA PRO D 210 -3.42 -29.84 23.28
C PRO D 210 -3.74 -31.21 22.70
N ILE D 211 -4.19 -31.19 21.44
CA ILE D 211 -4.29 -32.41 20.65
C ILE D 211 -2.90 -32.71 20.11
N VAL D 212 -2.42 -33.93 20.37
CA VAL D 212 -1.12 -34.38 19.89
C VAL D 212 -1.34 -35.60 19.00
N LYS D 213 -0.78 -35.51 17.80
CA LYS D 213 -0.76 -36.60 16.83
C LYS D 213 0.68 -36.79 16.38
N SER D 214 1.18 -38.03 16.44
CA SER D 214 2.57 -38.24 16.14
C SER D 214 2.78 -39.64 15.57
N PHE D 215 3.97 -39.84 14.99
CA PHE D 215 4.39 -41.13 14.49
C PHE D 215 5.91 -41.19 14.62
N ASN D 216 6.43 -42.42 14.67
CA ASN D 216 7.87 -42.67 14.65
C ASN D 216 8.22 -43.33 13.33
N ARG D 217 9.24 -42.82 12.64
CA ARG D 217 9.63 -43.45 11.39
C ARG D 217 10.50 -44.65 11.72
N ALA E 1 27.77 -17.89 -2.33
CA ALA E 1 27.51 -19.27 -2.75
C ALA E 1 27.83 -20.41 -1.71
N PRO E 2 28.57 -20.21 -0.58
CA PRO E 2 29.21 -19.04 0.08
C PRO E 2 30.29 -18.39 -0.59
N GLY E 3 30.77 -18.86 -1.78
CA GLY E 3 31.93 -18.22 -2.44
C GLY E 3 31.73 -16.67 -2.72
N SER E 4 30.79 -16.36 -3.59
CA SER E 4 30.47 -14.97 -3.98
C SER E 4 29.57 -14.32 -2.94
N THR E 5 29.77 -13.03 -2.65
CA THR E 5 28.96 -12.39 -1.56
C THR E 5 27.47 -12.32 -1.93
N ALA E 6 26.70 -12.71 -0.92
CA ALA E 6 25.24 -12.76 -1.05
C ALA E 6 24.68 -12.80 0.37
N PRO E 7 23.39 -12.53 0.51
CA PRO E 7 22.82 -12.65 1.88
C PRO E 7 22.82 -14.05 2.26
N PRO E 8 22.91 -14.29 3.57
CA PRO E 8 22.97 -15.68 4.08
C PRO E 8 21.84 -16.51 3.89
N ALA E 9 20.62 -15.99 3.70
CA ALA E 9 19.42 -16.83 3.56
C ALA E 9 18.48 -16.30 2.46
N ALA F 1 -25.17 19.27 -9.14
CA ALA F 1 -26.51 19.85 -8.94
C ALA F 1 -26.83 20.93 -10.01
N PRO F 2 -26.94 20.50 -11.31
CA PRO F 2 -27.02 19.11 -11.94
C PRO F 2 -26.48 18.69 -13.22
N GLY F 3 -25.65 19.51 -13.97
CA GLY F 3 -25.13 19.24 -15.36
C GLY F 3 -24.99 17.75 -15.86
N SER F 4 -24.14 17.01 -15.15
CA SER F 4 -23.87 15.60 -15.47
C SER F 4 -23.50 14.99 -14.17
N THR F 5 -23.86 13.72 -13.95
CA THR F 5 -23.52 13.14 -12.63
C THR F 5 -22.01 12.96 -12.45
N ALA F 6 -21.61 13.33 -11.25
CA ALA F 6 -20.25 13.34 -10.80
C ALA F 6 -20.27 13.43 -9.27
N PRO F 7 -19.18 13.05 -8.62
CA PRO F 7 -19.08 13.28 -7.17
C PRO F 7 -19.22 14.68 -6.93
N PRO F 8 -19.68 15.08 -5.74
CA PRO F 8 -19.83 16.54 -5.43
C PRO F 8 -18.63 17.32 -5.26
N ALA F 9 -17.56 16.73 -4.73
CA ALA F 9 -16.31 17.46 -4.45
C ALA F 9 -15.09 16.83 -5.16
#